data_1T6B
#
_entry.id   1T6B
#
_cell.length_a   88.160
_cell.length_b   94.118
_cell.length_c   135.597
_cell.angle_alpha   90.00
_cell.angle_beta   90.00
_cell.angle_gamma   90.00
#
_symmetry.space_group_name_H-M   'P 21 21 21'
#
loop_
_entity.id
_entity.type
_entity.pdbx_description
1 polymer 'Protective Antigen'
2 polymer 'Anthrax toxin receptor 2'
3 non-polymer 'CALCIUM ION'
4 non-polymer 'SODIUM ION'
5 non-polymer 'TETRAETHYLENE GLYCOL'
6 non-polymer 'MANGANESE (II) ION'
7 water water
#
loop_
_entity_poly.entity_id
_entity_poly.type
_entity_poly.pdbx_seq_one_letter_code
_entity_poly.pdbx_strand_id
1 'polypeptide(L)'
;EVKQENRLLNESESSSQGLLGYYFSDLNFQAPMVVTSSTTGDLSIPSSELENIPSENQYFQSAIWSGFIKVKKSDEYTFA
TSADNHVTMWVDDQEVINKASNSNKIRLEKGRLYQIKIQYQRENPTEKGLDFKLYWTDSQNKKEVISSDNLQLPELKQKS
SNSRKKRSTSAGPTVPDRDNDGIPDSLEVEGYTVDVKNKRTFLSPWISNIHEKKGLTKYKSSPEKWSTASDPYSDFEKVT
GRIDKNVSPEARHPLVAAYPIVHVDMENIILSKNEDQSTQNTDSQTRTISKNTSTSRTHTSEVHGNAEVHASFFDIGGSV
SAGFSNSNSSTVAIDHSLSLAGERTWAETMGLNTADTARLNANIRYVNTGTAPIYNVLPTTSLVLGKNQTLATIKAKENQ
LSQILAPNNYYPSKNLAPIALNAQDDFSSTPITMNYNQFLELEKTKQLRLDTDQVYGNIATYNFENGRVRVDTGSNWSEV
LPQIQETTARIIFNGKDLNLVERRIAAVNPSDPLETTKPDMTLKEALKIAFGFNEPNGNLQYQGKDITEFDFNFDQQTSQ
NIKNQLAELNATNIYTVLDKIKLNAKMNILIRDKRFHYDRNNIAVGADESVVKEAHREVINSSTEGLLLNIDKDIRKILS
GYIVEIEDTEGLKEVINDRYDMLNISSLRQDGKTFIDFKKYNDKLPLYISNPNYKVNVYAVTKENTIINPSENGDTSTNG
IKKILIFSKKGYEIG
;
X
2 'polypeptide(L)'
;GSHMLEDPRGRRAFDLYFVLDKSGSVANNWIEIYNFVQQLAERFVSPEMRLSFIVFSSQATIILPLTGDRGKISKGLEDL
KRVSPVGETYIHEGLKLANEQIQKAGGLKTSSIIIALTDGKLDGLVPSYAEKEAKISRSLGASVYCVGVLDFEQAQLERI
ADSKEQVFPVKGGFQALKGIINSSNGIAA
;
Y
#
# COMPACT_ATOMS: atom_id res chain seq x y z
N SER A 16 -21.56 -28.77 6.95
CA SER A 16 -21.11 -29.18 5.57
C SER A 16 -21.79 -30.43 4.94
N GLN A 17 -21.34 -31.63 5.33
CA GLN A 17 -21.69 -32.89 4.64
C GLN A 17 -21.74 -34.12 5.57
N GLY A 18 -21.86 -35.32 4.94
CA GLY A 18 -21.85 -36.64 5.57
C GLY A 18 -20.66 -37.59 5.30
N LEU A 19 -20.87 -38.72 4.65
CA LEU A 19 -19.80 -39.72 4.53
C LEU A 19 -18.73 -39.51 3.42
N LEU A 20 -17.47 -39.67 3.80
CA LEU A 20 -16.36 -39.67 2.84
C LEU A 20 -16.45 -40.94 2.04
N GLY A 21 -16.46 -40.77 0.71
CA GLY A 21 -16.57 -41.86 -0.25
C GLY A 21 -15.39 -41.94 -1.20
N TYR A 22 -14.88 -43.15 -1.39
CA TYR A 22 -13.81 -43.49 -2.35
C TYR A 22 -14.31 -44.52 -3.38
N TYR A 23 -14.21 -44.18 -4.65
CA TYR A 23 -14.69 -45.00 -5.73
C TYR A 23 -13.51 -45.44 -6.60
N PHE A 24 -13.41 -46.74 -6.87
CA PHE A 24 -12.31 -47.35 -7.61
C PHE A 24 -12.74 -47.99 -8.93
N SER A 25 -11.89 -47.91 -9.95
CA SER A 25 -12.24 -48.53 -11.23
C SER A 25 -11.85 -49.99 -11.20
N ASP A 26 -10.85 -50.33 -10.39
CA ASP A 26 -10.54 -51.73 -10.12
C ASP A 26 -11.50 -52.33 -9.07
N LEU A 27 -11.35 -53.62 -8.77
CA LEU A 27 -12.26 -54.25 -7.82
C LEU A 27 -11.70 -54.30 -6.37
N ASN A 28 -10.51 -53.76 -6.15
CA ASN A 28 -9.80 -54.06 -4.90
C ASN A 28 -9.20 -52.92 -4.09
N PHE A 29 -9.70 -51.69 -4.30
CA PHE A 29 -9.35 -50.50 -3.50
C PHE A 29 -7.99 -49.91 -3.84
N GLN A 30 -7.57 -50.07 -5.09
CA GLN A 30 -6.21 -49.70 -5.45
C GLN A 30 -6.09 -48.44 -6.33
N ALA A 31 -7.01 -48.27 -7.28
CA ALA A 31 -7.01 -47.08 -8.14
C ALA A 31 -8.25 -46.23 -7.87
N PRO A 32 -8.08 -45.21 -7.02
CA PRO A 32 -9.18 -44.28 -6.66
C PRO A 32 -9.49 -43.35 -7.82
N MET A 33 -10.74 -43.33 -8.27
CA MET A 33 -11.17 -42.46 -9.38
C MET A 33 -11.90 -41.21 -8.86
N VAL A 34 -12.59 -41.35 -7.74
CA VAL A 34 -13.29 -40.23 -7.14
C VAL A 34 -13.15 -40.33 -5.62
N VAL A 35 -12.81 -39.21 -5.00
CA VAL A 35 -12.98 -39.04 -3.58
C VAL A 35 -13.97 -37.89 -3.45
N THR A 36 -15.07 -38.16 -2.75
CA THR A 36 -16.06 -37.12 -2.52
C THR A 36 -16.89 -37.48 -1.33
N SER A 37 -17.78 -36.58 -0.94
CA SER A 37 -18.72 -36.88 0.12
C SER A 37 -20.12 -36.49 -0.26
N SER A 38 -21.09 -37.14 0.35
CA SER A 38 -22.46 -36.81 0.02
C SER A 38 -23.22 -36.48 1.27
N THR A 39 -24.20 -35.60 1.17
CA THR A 39 -24.87 -35.14 2.39
C THR A 39 -25.84 -36.15 2.99
N THR A 40 -26.35 -37.06 2.16
CA THR A 40 -27.37 -38.02 2.57
C THR A 40 -26.89 -39.45 2.44
N GLY A 41 -27.81 -40.40 2.59
CA GLY A 41 -27.50 -41.78 2.30
C GLY A 41 -27.45 -42.06 0.82
N ASP A 42 -27.76 -41.06 -0.01
CA ASP A 42 -27.58 -41.24 -1.46
C ASP A 42 -26.09 -41.08 -1.86
N LEU A 43 -25.48 -42.23 -2.16
CA LEU A 43 -24.03 -42.34 -2.38
C LEU A 43 -23.74 -42.50 -3.87
N SER A 44 -24.73 -42.17 -4.69
CA SER A 44 -24.66 -42.40 -6.13
C SER A 44 -23.69 -41.45 -6.81
N ILE A 45 -23.08 -41.93 -7.90
CA ILE A 45 -22.45 -41.03 -8.87
C ILE A 45 -22.94 -41.39 -10.26
N PRO A 46 -23.85 -40.58 -10.79
CA PRO A 46 -24.36 -40.81 -12.13
C PRO A 46 -23.32 -40.50 -13.21
N SER A 47 -23.54 -41.14 -14.36
CA SER A 47 -22.88 -40.86 -15.63
C SER A 47 -22.52 -39.38 -15.80
N SER A 48 -23.49 -38.50 -15.57
CA SER A 48 -23.35 -37.06 -15.80
C SER A 48 -22.11 -36.45 -15.14
N GLU A 49 -21.78 -36.92 -13.94
CA GLU A 49 -20.70 -36.34 -13.16
C GLU A 49 -19.31 -36.93 -13.42
N LEU A 50 -19.18 -37.76 -14.44
CA LEU A 50 -17.88 -38.43 -14.65
C LEU A 50 -16.99 -37.88 -15.78
N GLU A 51 -17.38 -36.73 -16.30
CA GLU A 51 -16.69 -35.98 -17.34
C GLU A 51 -15.17 -35.89 -17.28
N ASN A 52 -14.58 -35.96 -16.09
CA ASN A 52 -13.13 -35.82 -16.00
C ASN A 52 -12.45 -37.14 -15.71
N ILE A 53 -13.17 -38.24 -15.98
CA ILE A 53 -12.59 -39.56 -15.85
C ILE A 53 -12.51 -40.22 -17.23
N PRO A 54 -11.37 -40.82 -17.57
CA PRO A 54 -11.28 -41.54 -18.85
C PRO A 54 -12.46 -42.50 -18.94
N SER A 55 -12.99 -42.66 -20.14
CA SER A 55 -14.14 -43.54 -20.34
C SER A 55 -14.04 -44.93 -19.71
N GLU A 56 -12.95 -45.65 -19.96
CA GLU A 56 -12.83 -47.03 -19.46
C GLU A 56 -12.77 -47.08 -17.95
N ASN A 57 -12.26 -46.01 -17.35
CA ASN A 57 -12.15 -45.91 -15.90
C ASN A 57 -13.47 -45.50 -15.23
N GLN A 58 -14.49 -45.18 -16.02
CA GLN A 58 -15.79 -44.80 -15.51
C GLN A 58 -16.61 -45.99 -15.00
N TYR A 59 -16.00 -47.17 -14.94
CA TYR A 59 -16.66 -48.37 -14.41
C TYR A 59 -16.11 -48.75 -13.05
N PHE A 60 -16.89 -48.47 -12.01
CA PHE A 60 -16.42 -48.63 -10.64
C PHE A 60 -16.70 -50.03 -10.18
N GLN A 61 -15.66 -50.73 -9.77
CA GLN A 61 -15.81 -52.13 -9.36
C GLN A 61 -15.75 -52.30 -7.84
N SER A 62 -15.23 -51.30 -7.14
CA SER A 62 -15.40 -51.23 -5.70
C SER A 62 -15.39 -49.81 -5.18
N ALA A 63 -15.89 -49.65 -3.94
CA ALA A 63 -15.95 -48.37 -3.23
C ALA A 63 -15.92 -48.55 -1.72
N ILE A 64 -15.41 -47.54 -1.02
CA ILE A 64 -15.43 -47.49 0.43
C ILE A 64 -15.99 -46.17 0.94
N TRP A 65 -16.83 -46.25 1.96
CA TRP A 65 -17.30 -45.08 2.62
C TRP A 65 -17.01 -45.17 4.09
N SER A 66 -16.91 -44.00 4.72
CA SER A 66 -16.36 -43.87 6.06
C SER A 66 -16.88 -42.61 6.71
N GLY A 67 -17.21 -42.74 8.00
CA GLY A 67 -17.74 -41.63 8.76
C GLY A 67 -18.36 -42.02 10.08
N PHE A 68 -19.40 -41.28 10.44
CA PHE A 68 -20.17 -41.48 11.65
C PHE A 68 -21.64 -41.25 11.34
N ILE A 69 -22.56 -41.88 12.10
CA ILE A 69 -23.93 -41.36 12.33
C ILE A 69 -24.12 -40.93 13.78
N LYS A 70 -24.74 -39.76 13.95
CA LYS A 70 -25.44 -39.43 15.18
C LYS A 70 -26.92 -39.59 14.89
N VAL A 71 -27.63 -40.24 15.78
CA VAL A 71 -29.05 -40.44 15.59
C VAL A 71 -29.85 -39.46 16.47
N LYS A 72 -31.05 -39.07 16.02
CA LYS A 72 -31.86 -38.12 16.81
C LYS A 72 -32.82 -38.77 17.80
N LYS A 73 -33.27 -39.99 17.52
CA LYS A 73 -34.06 -40.75 18.48
C LYS A 73 -33.41 -42.11 18.70
N SER A 74 -33.16 -42.46 19.96
CA SER A 74 -32.77 -43.82 20.34
C SER A 74 -33.82 -44.79 19.80
N ASP A 75 -33.40 -46.00 19.42
CA ASP A 75 -34.25 -46.96 18.70
C ASP A 75 -33.41 -48.14 18.20
N GLU A 76 -34.07 -49.15 17.68
CA GLU A 76 -33.40 -50.19 16.91
C GLU A 76 -33.52 -49.89 15.41
N TYR A 77 -32.45 -50.12 14.65
CA TYR A 77 -32.45 -49.81 13.23
C TYR A 77 -31.96 -50.98 12.39
N THR A 78 -32.57 -51.19 11.25
CA THR A 78 -31.98 -52.05 10.25
C THR A 78 -31.31 -51.23 9.14
N PHE A 79 -30.04 -51.51 8.92
CA PHE A 79 -29.37 -50.95 7.79
C PHE A 79 -29.55 -51.84 6.55
N ALA A 80 -29.54 -51.20 5.39
CA ALA A 80 -29.62 -51.89 4.14
C ALA A 80 -29.08 -50.97 3.04
N THR A 81 -28.61 -51.57 1.94
CA THR A 81 -28.15 -50.84 0.79
C THR A 81 -28.86 -51.28 -0.47
N SER A 82 -28.53 -50.65 -1.59
CA SER A 82 -29.09 -51.00 -2.88
C SER A 82 -28.56 -52.35 -3.30
N ALA A 83 -27.34 -52.69 -2.86
CA ALA A 83 -26.68 -53.95 -3.26
C ALA A 83 -26.12 -54.77 -2.09
N ASP A 84 -27.01 -55.21 -1.20
CA ASP A 84 -26.64 -56.00 -0.02
C ASP A 84 -25.66 -57.21 -0.21
N ASN A 85 -25.76 -57.92 -1.32
CA ASN A 85 -24.88 -59.06 -1.58
C ASN A 85 -23.42 -58.70 -1.90
N HIS A 86 -23.20 -57.45 -2.30
CA HIS A 86 -21.87 -56.95 -2.66
C HIS A 86 -21.21 -56.12 -1.53
N VAL A 87 -21.76 -56.17 -0.33
CA VAL A 87 -21.46 -55.14 0.66
C VAL A 87 -21.13 -55.71 2.02
N THR A 88 -20.10 -55.16 2.66
CA THR A 88 -19.93 -55.34 4.09
C THR A 88 -20.04 -54.00 4.79
N MET A 89 -20.75 -54.00 5.92
CA MET A 89 -20.89 -52.81 6.73
C MET A 89 -20.57 -53.07 8.19
N TRP A 90 -19.80 -52.16 8.78
CA TRP A 90 -19.57 -52.14 10.22
C TRP A 90 -20.17 -50.90 10.82
N VAL A 91 -20.65 -51.05 12.04
CA VAL A 91 -21.18 -49.97 12.85
C VAL A 91 -20.51 -50.11 14.22
N ASP A 92 -19.82 -49.06 14.68
CA ASP A 92 -18.93 -49.17 15.85
C ASP A 92 -18.12 -50.49 15.92
N ASP A 93 -17.58 -50.92 14.78
CA ASP A 93 -16.76 -52.14 14.63
C ASP A 93 -17.44 -53.52 14.67
N GLN A 94 -18.77 -53.53 14.71
CA GLN A 94 -19.58 -54.75 14.56
C GLN A 94 -20.19 -54.88 13.15
N GLU A 95 -20.23 -56.09 12.60
CA GLU A 95 -20.76 -56.23 11.25
C GLU A 95 -22.29 -56.19 11.20
N VAL A 96 -22.82 -55.44 10.26
CA VAL A 96 -24.24 -55.20 10.24
C VAL A 96 -24.89 -55.62 8.91
N ILE A 97 -24.08 -55.61 7.86
CA ILE A 97 -24.39 -56.27 6.60
C ILE A 97 -23.09 -56.98 6.22
N ASN A 98 -23.22 -58.06 5.46
CA ASN A 98 -22.10 -58.94 5.18
C ASN A 98 -22.50 -59.98 4.14
N LYS A 99 -22.12 -59.75 2.87
CA LYS A 99 -22.25 -60.75 1.80
C LYS A 99 -23.70 -61.23 1.54
N ALA A 100 -24.68 -60.48 2.07
CA ALA A 100 -26.10 -60.83 2.00
C ALA A 100 -26.92 -59.70 2.64
N SER A 101 -28.25 -59.73 2.46
CA SER A 101 -29.14 -58.77 3.15
C SER A 101 -29.28 -59.15 4.63
N ASN A 102 -28.12 -59.30 5.29
CA ASN A 102 -28.02 -59.63 6.70
C ASN A 102 -28.78 -58.55 7.47
N SER A 103 -30.07 -58.82 7.73
CA SER A 103 -31.00 -57.79 8.18
C SER A 103 -31.16 -57.72 9.70
N ASN A 104 -30.24 -56.97 10.30
CA ASN A 104 -29.96 -57.04 11.73
C ASN A 104 -30.21 -55.77 12.51
N LYS A 105 -31.31 -55.77 13.28
CA LYS A 105 -31.62 -54.70 14.24
C LYS A 105 -30.42 -54.38 15.17
N ILE A 106 -30.11 -53.11 15.31
CA ILE A 106 -29.05 -52.70 16.23
C ILE A 106 -29.47 -51.47 17.01
N ARG A 107 -29.21 -51.48 18.31
CA ARG A 107 -29.57 -50.37 19.17
C ARG A 107 -28.68 -49.18 18.90
N LEU A 108 -29.28 -47.98 18.84
CA LEU A 108 -28.54 -46.73 18.69
C LEU A 108 -29.13 -45.66 19.60
N GLU A 109 -28.30 -45.11 20.49
CA GLU A 109 -28.66 -44.03 21.41
C GLU A 109 -28.40 -42.64 20.80
N LYS A 110 -29.27 -41.68 21.11
CA LYS A 110 -29.15 -40.35 20.51
C LYS A 110 -28.03 -39.55 21.17
N GLY A 111 -27.34 -38.72 20.39
CA GLY A 111 -26.24 -37.91 20.92
C GLY A 111 -24.85 -38.55 20.83
N ARG A 112 -24.81 -39.87 20.99
CA ARG A 112 -23.61 -40.69 20.75
C ARG A 112 -23.24 -40.82 19.24
N LEU A 113 -21.95 -40.91 18.95
CA LEU A 113 -21.51 -41.13 17.58
C LEU A 113 -20.99 -42.54 17.40
N TYR A 114 -21.37 -43.13 16.27
CA TYR A 114 -21.06 -44.49 15.95
C TYR A 114 -20.29 -44.51 14.66
N GLN A 115 -19.20 -45.26 14.65
CA GLN A 115 -18.29 -45.28 13.51
C GLN A 115 -19.02 -46.06 12.45
N ILE A 116 -18.87 -45.63 11.20
CA ILE A 116 -19.46 -46.28 10.05
C ILE A 116 -18.39 -46.66 9.03
N LYS A 117 -18.51 -47.84 8.44
CA LYS A 117 -17.68 -48.20 7.29
C LYS A 117 -18.47 -49.09 6.33
N ILE A 118 -18.61 -48.68 5.08
CA ILE A 118 -19.25 -49.55 4.12
C ILE A 118 -18.22 -49.89 3.07
N GLN A 119 -18.27 -51.16 2.65
CA GLN A 119 -17.39 -51.72 1.65
C GLN A 119 -18.30 -52.23 0.53
N TYR A 120 -17.90 -52.04 -0.72
CA TYR A 120 -18.67 -52.48 -1.89
C TYR A 120 -17.74 -53.04 -2.96
N GLN A 121 -17.98 -54.30 -3.35
CA GLN A 121 -17.22 -54.96 -4.41
C GLN A 121 -18.15 -55.57 -5.45
N ARG A 122 -17.99 -55.13 -6.69
CA ARG A 122 -18.78 -55.64 -7.79
C ARG A 122 -17.89 -56.02 -8.98
N GLU A 123 -17.77 -57.33 -9.22
CA GLU A 123 -16.97 -57.86 -10.32
C GLU A 123 -17.55 -57.46 -11.68
N ASN A 124 -18.82 -57.80 -11.89
CA ASN A 124 -19.50 -57.63 -13.18
C ASN A 124 -20.12 -56.22 -13.32
N PRO A 125 -19.33 -55.23 -13.78
CA PRO A 125 -19.79 -53.84 -13.81
C PRO A 125 -20.32 -53.50 -15.22
N THR A 126 -21.64 -53.58 -15.33
CA THR A 126 -22.35 -53.44 -16.59
C THR A 126 -22.71 -51.98 -16.88
N GLU A 127 -22.61 -51.15 -15.85
CA GLU A 127 -23.00 -49.75 -15.91
C GLU A 127 -21.84 -48.78 -15.56
N LYS A 128 -21.79 -47.62 -16.21
CA LYS A 128 -20.88 -46.55 -15.79
C LYS A 128 -21.37 -46.02 -14.44
N GLY A 129 -20.53 -45.21 -13.78
CA GLY A 129 -20.88 -44.61 -12.50
C GLY A 129 -21.20 -45.63 -11.43
N LEU A 130 -22.00 -45.22 -10.46
CA LEU A 130 -22.54 -46.13 -9.48
C LEU A 130 -23.88 -45.66 -8.96
N ASP A 131 -24.88 -46.55 -9.00
CA ASP A 131 -26.15 -46.26 -8.33
C ASP A 131 -26.17 -47.01 -7.00
N PHE A 132 -26.08 -46.27 -5.89
CA PHE A 132 -25.95 -46.87 -4.56
C PHE A 132 -26.51 -45.98 -3.44
N LYS A 133 -27.37 -46.57 -2.64
CA LYS A 133 -28.12 -45.85 -1.61
C LYS A 133 -28.04 -46.64 -0.30
N LEU A 134 -27.82 -45.93 0.79
CA LEU A 134 -27.84 -46.54 2.10
C LEU A 134 -29.17 -46.21 2.80
N TYR A 135 -29.87 -47.26 3.21
CA TYR A 135 -31.12 -47.13 3.89
C TYR A 135 -31.07 -47.52 5.34
N TRP A 136 -32.08 -47.05 6.07
CA TRP A 136 -32.40 -47.59 7.39
C TRP A 136 -33.87 -47.65 7.69
N THR A 137 -34.25 -48.55 8.59
CA THR A 137 -35.62 -48.71 8.97
C THR A 137 -35.70 -48.63 10.48
N ASP A 138 -36.62 -47.81 11.00
CA ASP A 138 -36.84 -47.81 12.45
C ASP A 138 -37.83 -48.92 12.85
N SER A 139 -38.14 -49.05 14.14
CA SER A 139 -38.99 -50.16 14.66
C SER A 139 -40.47 -50.04 14.31
N GLN A 140 -40.90 -48.87 13.85
CA GLN A 140 -42.22 -48.71 13.31
C GLN A 140 -42.22 -48.99 11.80
N ASN A 141 -41.17 -49.69 11.34
CA ASN A 141 -41.09 -50.19 9.95
C ASN A 141 -41.01 -49.12 8.82
N LYS A 142 -40.58 -47.92 9.17
CA LYS A 142 -40.42 -46.87 8.20
C LYS A 142 -38.99 -46.96 7.64
N LYS A 143 -38.90 -47.25 6.34
CA LYS A 143 -37.65 -47.31 5.53
C LYS A 143 -37.43 -46.09 4.63
N GLU A 144 -36.35 -45.36 4.89
CA GLU A 144 -35.87 -44.31 3.98
C GLU A 144 -34.37 -44.40 3.73
N VAL A 145 -33.94 -43.83 2.62
CA VAL A 145 -32.58 -43.33 2.43
C VAL A 145 -32.20 -42.46 3.64
N ILE A 146 -31.10 -42.75 4.30
CA ILE A 146 -30.66 -41.96 5.44
C ILE A 146 -30.59 -40.48 5.08
N SER A 147 -31.26 -39.65 5.86
CA SER A 147 -31.39 -38.23 5.49
C SER A 147 -30.23 -37.34 6.01
N SER A 148 -30.27 -36.04 5.72
CA SER A 148 -29.06 -35.17 5.84
C SER A 148 -28.37 -34.98 7.22
N ASP A 149 -29.12 -34.77 8.28
CA ASP A 149 -28.39 -34.46 9.50
C ASP A 149 -28.13 -35.72 10.31
N ASN A 150 -27.74 -36.80 9.65
CA ASN A 150 -27.30 -37.97 10.39
C ASN A 150 -25.86 -38.36 10.10
N LEU A 151 -25.48 -38.45 8.83
CA LEU A 151 -24.11 -38.87 8.53
C LEU A 151 -23.16 -37.69 8.56
N GLN A 152 -21.98 -37.94 9.11
CA GLN A 152 -20.95 -36.94 9.15
C GLN A 152 -19.56 -37.53 8.85
N LEU A 153 -18.59 -36.67 8.55
CA LEU A 153 -17.27 -37.16 8.13
C LEU A 153 -16.43 -37.78 9.23
N PRO A 154 -15.48 -38.60 8.83
CA PRO A 154 -14.48 -39.09 9.77
C PRO A 154 -13.65 -37.90 10.23
N GLU A 155 -13.02 -38.00 11.39
CA GLU A 155 -12.20 -36.90 11.91
C GLU A 155 -10.90 -36.93 11.16
N LEU A 156 -10.70 -36.01 10.22
CA LEU A 156 -9.50 -36.04 9.43
C LEU A 156 -8.51 -34.96 9.86
N LYS A 157 -8.02 -35.12 11.09
CA LYS A 157 -7.18 -34.18 11.76
C LYS A 157 -5.84 -34.84 12.02
N GLN A 158 -4.80 -34.05 12.21
CA GLN A 158 -3.46 -34.60 12.49
C GLN A 158 -3.47 -35.54 13.67
N VAL A 175 -6.99 -48.74 2.28
CA VAL A 175 -7.29 -47.33 2.56
C VAL A 175 -6.02 -46.38 2.74
N PRO A 176 -5.00 -46.44 1.86
CA PRO A 176 -3.67 -45.89 2.21
C PRO A 176 -3.63 -44.36 2.31
N ASP A 177 -3.66 -43.86 3.55
CA ASP A 177 -3.73 -42.42 3.84
C ASP A 177 -2.89 -42.09 5.05
N ARG A 178 -1.57 -42.06 4.87
CA ARG A 178 -0.64 -41.89 5.97
C ARG A 178 -0.83 -40.61 6.87
N ASP A 179 -1.15 -39.45 6.28
CA ASP A 179 -1.15 -38.23 7.07
C ASP A 179 -2.54 -37.90 7.56
N ASN A 180 -3.47 -38.81 7.30
CA ASN A 180 -4.84 -38.68 7.72
C ASN A 180 -5.54 -37.39 7.29
N ASP A 181 -5.15 -36.82 6.15
CA ASP A 181 -5.87 -35.65 5.70
C ASP A 181 -7.11 -36.00 4.92
N GLY A 182 -7.24 -37.28 4.53
CA GLY A 182 -8.34 -37.72 3.68
C GLY A 182 -8.03 -37.93 2.21
N ILE A 183 -6.90 -37.39 1.73
CA ILE A 183 -6.56 -37.62 0.34
C ILE A 183 -5.60 -38.81 0.25
N PRO A 184 -5.98 -39.84 -0.52
CA PRO A 184 -5.19 -41.09 -0.56
C PRO A 184 -3.76 -40.78 -0.98
N ASP A 185 -2.79 -41.35 -0.29
CA ASP A 185 -1.38 -41.19 -0.67
C ASP A 185 -1.06 -41.20 -2.15
N SER A 186 -1.68 -42.11 -2.89
CA SER A 186 -1.37 -42.22 -4.31
C SER A 186 -1.72 -40.97 -5.07
N LEU A 187 -2.82 -40.32 -4.71
CA LEU A 187 -3.30 -39.12 -5.41
C LEU A 187 -2.45 -37.91 -5.16
N GLU A 188 -2.08 -37.72 -3.89
CA GLU A 188 -1.26 -36.58 -3.51
C GLU A 188 0.09 -36.60 -4.28
N VAL A 189 0.61 -37.80 -4.55
CA VAL A 189 1.95 -37.93 -5.07
C VAL A 189 1.94 -37.86 -6.60
N GLU A 190 0.92 -38.43 -7.21
CA GLU A 190 0.81 -38.51 -8.66
C GLU A 190 0.01 -37.33 -9.18
N GLY A 191 -0.86 -36.79 -8.34
CA GLY A 191 -1.50 -35.54 -8.69
C GLY A 191 -2.96 -35.76 -8.90
N TYR A 192 -3.73 -34.71 -8.62
CA TYR A 192 -5.17 -34.78 -8.63
C TYR A 192 -5.75 -33.46 -9.08
N THR A 193 -6.94 -33.58 -9.65
CA THR A 193 -7.77 -32.45 -10.02
C THR A 193 -8.87 -32.30 -8.95
N VAL A 194 -9.31 -31.06 -8.68
CA VAL A 194 -10.50 -30.87 -7.85
C VAL A 194 -11.56 -30.18 -8.67
N ASP A 195 -12.69 -30.85 -8.75
CA ASP A 195 -13.75 -30.52 -9.66
C ASP A 195 -14.90 -30.21 -8.75
N VAL A 196 -15.57 -29.09 -9.00
CA VAL A 196 -16.76 -28.75 -8.24
C VAL A 196 -18.02 -29.24 -8.96
N LYS A 197 -18.87 -29.97 -8.24
CA LYS A 197 -20.16 -30.42 -8.77
C LYS A 197 -21.28 -29.42 -8.36
N ASN A 198 -22.46 -29.92 -7.97
CA ASN A 198 -23.45 -29.00 -7.42
C ASN A 198 -23.20 -28.70 -5.95
N LYS A 199 -22.99 -29.71 -5.13
CA LYS A 199 -22.59 -29.47 -3.75
C LYS A 199 -21.22 -30.08 -3.64
N ARG A 200 -21.17 -31.36 -3.98
CA ARG A 200 -19.95 -32.13 -3.96
C ARG A 200 -18.76 -31.44 -4.57
N THR A 201 -17.62 -31.67 -3.93
CA THR A 201 -16.31 -31.52 -4.57
C THR A 201 -15.83 -32.89 -4.96
N PHE A 202 -15.35 -32.99 -6.21
CA PHE A 202 -14.73 -34.21 -6.70
C PHE A 202 -13.23 -34.11 -6.72
N LEU A 203 -12.61 -35.12 -6.16
CA LEU A 203 -11.20 -35.13 -6.12
C LEU A 203 -10.83 -36.35 -6.93
N SER A 204 -10.13 -36.15 -8.04
CA SER A 204 -9.89 -37.22 -9.02
C SER A 204 -8.44 -37.19 -9.51
N PRO A 205 -7.87 -38.31 -9.96
CA PRO A 205 -6.47 -38.32 -10.39
C PRO A 205 -6.28 -37.49 -11.65
N TRP A 206 -5.11 -36.86 -11.77
CA TRP A 206 -4.66 -36.11 -12.94
C TRP A 206 -4.34 -37.02 -14.15
N ILE A 207 -4.96 -36.72 -15.29
CA ILE A 207 -4.61 -37.39 -16.53
C ILE A 207 -4.26 -36.32 -17.57
N SER A 208 -3.04 -36.40 -18.09
CA SER A 208 -2.49 -35.48 -19.11
C SER A 208 -3.42 -35.00 -20.21
N ASN A 209 -3.93 -35.91 -21.04
CA ASN A 209 -4.66 -35.52 -22.25
C ASN A 209 -6.15 -35.12 -22.09
N ILE A 210 -6.61 -34.97 -20.85
CA ILE A 210 -8.00 -34.58 -20.56
C ILE A 210 -8.07 -33.24 -19.81
N HIS A 211 -7.21 -33.08 -18.80
CA HIS A 211 -7.26 -31.92 -17.89
C HIS A 211 -6.44 -30.68 -18.32
N GLU A 212 -5.40 -30.88 -19.14
CA GLU A 212 -4.72 -29.74 -19.75
C GLU A 212 -5.70 -28.94 -20.58
N LYS A 213 -6.37 -29.61 -21.52
CA LYS A 213 -7.39 -28.99 -22.38
C LYS A 213 -8.44 -28.11 -21.65
N LYS A 214 -8.82 -28.47 -20.40
CA LYS A 214 -9.96 -27.85 -19.70
C LYS A 214 -9.67 -26.70 -18.70
N GLY A 215 -8.38 -26.41 -18.44
CA GLY A 215 -7.99 -25.27 -17.61
C GLY A 215 -8.13 -25.38 -16.07
N LEU A 216 -8.06 -26.59 -15.53
CA LEU A 216 -8.01 -26.78 -14.08
C LEU A 216 -6.58 -27.13 -13.69
N THR A 217 -6.22 -26.88 -12.44
CA THR A 217 -4.83 -27.10 -12.06
C THR A 217 -4.54 -28.53 -11.56
N LYS A 218 -3.31 -28.94 -11.77
CA LYS A 218 -2.78 -30.17 -11.23
C LYS A 218 -2.26 -29.89 -9.81
N TYR A 219 -2.94 -30.40 -8.79
CA TYR A 219 -2.47 -30.31 -7.40
C TYR A 219 -1.55 -31.44 -7.08
N LYS A 220 -0.54 -31.15 -6.29
CA LYS A 220 0.28 -32.20 -5.67
C LYS A 220 0.40 -31.82 -4.21
N SER A 221 0.46 -32.81 -3.32
CA SER A 221 0.74 -32.49 -1.93
C SER A 221 1.56 -33.60 -1.28
N SER A 222 2.13 -33.36 -0.11
CA SER A 222 2.82 -34.40 0.64
C SER A 222 1.86 -35.39 1.27
N PRO A 223 2.09 -36.65 0.98
CA PRO A 223 1.32 -37.72 1.64
C PRO A 223 1.77 -37.91 3.08
N GLU A 224 2.88 -37.28 3.44
CA GLU A 224 3.38 -37.32 4.81
C GLU A 224 2.97 -36.10 5.65
N LYS A 225 2.37 -35.09 5.03
CA LYS A 225 2.04 -33.85 5.78
C LYS A 225 0.59 -33.49 5.61
N TRP A 226 -0.10 -33.44 6.74
CA TRP A 226 -1.51 -33.12 6.86
C TRP A 226 -1.74 -31.73 6.25
N SER A 227 -0.88 -30.75 6.60
CA SER A 227 -0.80 -29.54 5.81
C SER A 227 0.55 -29.44 5.12
N THR A 228 0.58 -29.60 3.79
CA THR A 228 1.88 -29.57 3.07
C THR A 228 2.66 -28.31 3.30
N ALA A 229 1.94 -27.19 3.46
CA ALA A 229 2.57 -25.90 3.76
C ALA A 229 2.94 -25.71 5.20
N SER A 230 2.61 -26.71 6.06
CA SER A 230 2.87 -26.68 7.52
C SER A 230 1.99 -25.65 8.23
N ASP A 231 0.82 -25.36 7.69
CA ASP A 231 -0.03 -24.32 8.25
C ASP A 231 -1.25 -25.02 8.89
N PRO A 232 -2.25 -24.30 9.40
CA PRO A 232 -3.29 -24.92 10.25
C PRO A 232 -4.41 -25.60 9.55
N TYR A 233 -4.38 -25.64 8.22
CA TYR A 233 -5.47 -26.17 7.38
C TYR A 233 -4.96 -27.33 6.54
N SER A 234 -5.64 -28.47 6.57
CA SER A 234 -5.15 -29.66 5.87
C SER A 234 -5.27 -29.55 4.37
N ASP A 235 -4.53 -30.41 3.65
CA ASP A 235 -4.59 -30.39 2.19
C ASP A 235 -6.04 -30.56 1.70
N PHE A 236 -6.75 -31.45 2.38
CA PHE A 236 -8.14 -31.76 2.11
C PHE A 236 -9.06 -30.61 2.50
N GLU A 237 -8.81 -29.99 3.64
CA GLU A 237 -9.67 -28.87 4.00
C GLU A 237 -9.56 -27.76 2.96
N LYS A 238 -8.33 -27.50 2.53
CA LYS A 238 -8.04 -26.48 1.58
C LYS A 238 -8.79 -26.72 0.27
N VAL A 239 -8.63 -27.87 -0.36
CA VAL A 239 -9.18 -28.02 -1.70
C VAL A 239 -10.69 -28.35 -1.68
N THR A 240 -11.23 -28.42 -0.49
CA THR A 240 -12.58 -28.89 -0.37
C THR A 240 -13.46 -27.73 0.19
N GLY A 241 -12.80 -26.65 0.67
CA GLY A 241 -13.46 -25.44 1.10
C GLY A 241 -14.03 -25.62 2.50
N ARG A 242 -13.54 -26.65 3.22
CA ARG A 242 -13.87 -26.76 4.62
C ARG A 242 -12.85 -25.98 5.45
N ILE A 243 -12.95 -24.66 5.36
CA ILE A 243 -11.88 -23.81 5.81
C ILE A 243 -12.46 -22.43 6.02
N ASP A 244 -11.84 -21.69 6.93
CA ASP A 244 -12.18 -20.32 7.17
C ASP A 244 -12.45 -19.61 5.83
N LYS A 245 -13.68 -19.11 5.66
CA LYS A 245 -14.09 -18.37 4.48
C LYS A 245 -13.15 -17.19 4.14
N ASN A 246 -12.28 -16.80 5.10
CA ASN A 246 -11.44 -15.62 5.00
C ASN A 246 -10.02 -15.91 4.58
N VAL A 247 -9.67 -17.20 4.47
CA VAL A 247 -8.38 -17.58 3.96
C VAL A 247 -8.29 -17.20 2.49
N SER A 248 -7.17 -16.61 2.09
CA SER A 248 -6.97 -16.17 0.71
C SER A 248 -7.17 -17.30 -0.33
N PRO A 249 -7.79 -16.95 -1.47
CA PRO A 249 -8.14 -17.97 -2.47
C PRO A 249 -6.86 -18.68 -2.95
N GLU A 250 -5.76 -17.95 -3.13
CA GLU A 250 -4.53 -18.64 -3.53
C GLU A 250 -4.02 -19.61 -2.46
N ALA A 251 -4.21 -19.29 -1.19
CA ALA A 251 -3.77 -20.16 -0.08
C ALA A 251 -4.69 -21.37 0.12
N ARG A 252 -5.69 -21.53 -0.77
CA ARG A 252 -6.48 -22.75 -0.80
C ARG A 252 -5.80 -23.86 -1.60
N HIS A 253 -4.66 -23.51 -2.21
CA HIS A 253 -3.81 -24.49 -2.89
C HIS A 253 -2.88 -25.08 -1.83
N PRO A 254 -2.74 -26.40 -1.77
CA PRO A 254 -2.03 -27.00 -0.64
C PRO A 254 -0.55 -26.69 -0.60
N LEU A 255 0.03 -26.19 -1.69
CA LEU A 255 1.42 -25.76 -1.62
C LEU A 255 1.65 -24.25 -1.27
N VAL A 256 0.55 -23.48 -1.07
CA VAL A 256 0.67 -22.08 -0.71
C VAL A 256 0.27 -21.94 0.76
N ALA A 257 1.16 -21.33 1.56
CA ALA A 257 0.95 -21.21 2.99
C ALA A 257 -0.15 -20.17 3.24
N ALA A 258 -1.00 -20.51 4.21
CA ALA A 258 -2.01 -19.65 4.77
C ALA A 258 -1.53 -19.13 6.16
N TYR A 259 -1.11 -17.88 6.23
CA TYR A 259 -0.73 -17.28 7.51
C TYR A 259 -0.92 -15.76 7.40
N PRO A 260 -1.12 -15.08 8.53
CA PRO A 260 -1.36 -13.65 8.49
C PRO A 260 -0.04 -12.85 8.36
N ILE A 261 -0.08 -11.68 7.72
CA ILE A 261 1.09 -10.79 7.70
C ILE A 261 0.63 -9.39 7.91
N VAL A 262 1.01 -8.81 9.05
CA VAL A 262 0.36 -7.59 9.53
C VAL A 262 1.40 -6.51 9.69
N HIS A 263 1.10 -5.31 9.19
CA HIS A 263 1.88 -4.14 9.54
C HIS A 263 0.96 -2.98 9.91
N VAL A 264 1.51 -1.88 10.41
CA VAL A 264 0.71 -0.71 10.77
C VAL A 264 0.86 0.31 9.69
N ASP A 265 -0.25 0.91 9.33
CA ASP A 265 -0.26 1.95 8.32
C ASP A 265 -0.77 3.19 9.03
N MET A 266 0.07 4.22 9.03
CA MET A 266 -0.25 5.51 9.55
C MET A 266 -0.80 6.40 8.47
N GLU A 267 -1.89 7.13 8.80
CA GLU A 267 -2.63 8.00 7.85
C GLU A 267 -2.33 9.46 8.07
N ASN A 268 -2.34 9.88 9.33
CA ASN A 268 -2.00 11.25 9.70
C ASN A 268 -1.48 11.36 11.13
N ILE A 269 -0.70 12.38 11.35
CA ILE A 269 -0.04 12.62 12.58
C ILE A 269 -0.42 14.05 13.05
N ILE A 270 -0.53 14.28 14.35
CA ILE A 270 -0.69 15.65 14.85
C ILE A 270 0.38 15.91 15.89
N LEU A 271 1.14 16.99 15.70
CA LEU A 271 2.19 17.38 16.66
C LEU A 271 1.83 18.62 17.49
N SER A 272 2.07 18.58 18.80
CA SER A 272 1.84 19.76 19.65
C SER A 272 2.84 19.94 20.76
N LYS A 273 2.93 21.19 21.21
CA LYS A 273 3.66 21.59 22.41
C LYS A 273 2.96 21.05 23.62
N ASN A 274 3.75 20.49 24.53
CA ASN A 274 3.28 19.79 25.70
C ASN A 274 3.24 20.72 26.92
N GLU A 275 2.12 20.70 27.65
CA GLU A 275 1.87 21.61 28.80
C GLU A 275 1.91 20.88 30.16
N THR A 288 -0.10 23.86 16.88
CA THR A 288 -0.41 22.53 16.35
C THR A 288 -0.02 22.23 14.86
N ILE A 289 0.72 21.14 14.62
CA ILE A 289 1.00 20.74 13.25
C ILE A 289 0.29 19.47 12.84
N SER A 290 -0.60 19.56 11.86
CA SER A 290 -1.30 18.43 11.28
C SER A 290 -0.81 18.06 9.89
N LYS A 291 -0.36 16.81 9.73
CA LYS A 291 0.25 16.36 8.51
C LYS A 291 -0.27 14.99 8.13
N ASN A 292 -0.55 14.79 6.83
CA ASN A 292 -0.80 13.43 6.28
C ASN A 292 0.49 12.65 6.15
N THR A 293 0.36 11.33 6.24
CA THR A 293 1.50 10.42 6.12
C THR A 293 1.24 9.33 5.07
N SER A 294 2.29 8.80 4.47
CA SER A 294 2.13 7.57 3.71
C SER A 294 3.04 6.55 4.27
N THR A 295 2.55 5.33 4.32
CA THR A 295 3.29 4.26 4.95
C THR A 295 3.51 3.12 3.98
N SER A 296 4.68 2.48 4.07
CA SER A 296 5.01 1.33 3.27
C SER A 296 5.60 0.22 4.11
N ARG A 297 4.99 -0.96 4.03
CA ARG A 297 5.59 -2.20 4.49
C ARG A 297 6.95 -2.35 3.81
N THR A 298 7.91 -2.89 4.54
CA THR A 298 9.32 -2.75 4.16
C THR A 298 10.00 -4.14 4.15
N HIS A 299 11.11 -4.26 3.46
CA HIS A 299 11.91 -5.47 3.46
C HIS A 299 13.37 -5.07 3.27
N THR A 300 14.18 -5.44 4.24
CA THR A 300 15.52 -4.94 4.31
C THR A 300 16.47 -5.94 3.73
N SER A 301 17.15 -5.47 2.71
CA SER A 301 18.23 -6.19 2.06
C SER A 301 19.53 -5.99 2.85
N GLU A 302 20.60 -6.72 2.50
CA GLU A 302 21.93 -6.45 3.07
C GLU A 302 23.01 -6.19 2.02
N VAL A 303 24.19 -5.70 2.48
CA VAL A 303 25.40 -5.59 1.67
C VAL A 303 26.48 -6.59 2.11
N VAL A 320 21.78 -5.13 -2.18
CA VAL A 320 22.34 -6.00 -3.23
C VAL A 320 21.89 -7.49 -3.03
N SER A 321 21.24 -7.79 -1.90
CA SER A 321 20.83 -9.16 -1.58
C SER A 321 19.55 -9.15 -0.78
N ALA A 322 18.58 -10.03 -1.09
CA ALA A 322 17.35 -10.17 -0.27
C ALA A 322 17.65 -10.61 1.19
N GLY A 323 16.79 -10.20 2.13
CA GLY A 323 17.05 -10.45 3.53
C GLY A 323 16.47 -11.76 4.04
N PHE A 324 16.78 -12.05 5.32
CA PHE A 324 16.45 -13.32 6.00
C PHE A 324 15.39 -13.23 7.07
N SER A 325 15.20 -12.05 7.65
CA SER A 325 14.32 -11.94 8.80
C SER A 325 12.85 -11.94 8.37
N ASN A 326 12.00 -12.29 9.32
CA ASN A 326 10.59 -12.52 9.11
C ASN A 326 9.77 -11.51 9.89
N SER A 327 10.46 -10.52 10.45
CA SER A 327 9.86 -9.39 11.19
C SER A 327 8.91 -8.58 10.29
N ASN A 328 8.09 -7.73 10.87
CA ASN A 328 7.22 -6.88 10.11
C ASN A 328 7.64 -5.47 10.41
N SER A 329 7.72 -4.65 9.39
CA SER A 329 8.11 -3.26 9.60
C SER A 329 7.45 -2.38 8.56
N SER A 330 7.14 -1.17 8.93
CA SER A 330 6.71 -0.20 7.93
C SER A 330 7.40 1.11 8.20
N THR A 331 7.68 1.85 7.13
CA THR A 331 8.24 3.20 7.25
C THR A 331 7.19 4.22 6.83
N VAL A 332 7.08 5.29 7.63
CA VAL A 332 6.11 6.35 7.40
C VAL A 332 6.84 7.60 6.86
N ALA A 333 6.35 8.14 5.74
CA ALA A 333 6.74 9.48 5.26
C ALA A 333 5.79 10.55 5.78
N ILE A 334 6.33 11.55 6.48
CA ILE A 334 5.46 12.65 6.91
C ILE A 334 5.47 13.72 5.81
N ASP A 335 4.29 14.19 5.44
CA ASP A 335 4.15 15.14 4.34
C ASP A 335 4.91 16.42 4.66
N HIS A 336 5.73 16.85 3.70
CA HIS A 336 6.64 17.95 3.87
C HIS A 336 6.08 19.20 3.17
N SER A 337 4.91 19.06 2.57
CA SER A 337 4.25 20.17 1.90
C SER A 337 3.56 21.07 2.92
N LEU A 338 3.22 22.29 2.51
CA LEU A 338 2.79 23.25 3.51
C LEU A 338 1.33 23.03 3.87
N SER A 339 0.95 23.41 5.09
CA SER A 339 -0.45 23.34 5.51
C SER A 339 -1.10 24.70 5.42
N LEU A 340 -0.39 25.71 5.88
CA LEU A 340 -0.86 27.08 5.96
C LEU A 340 0.11 27.97 5.19
N ALA A 341 -0.35 29.11 4.71
CA ALA A 341 0.47 29.93 3.81
C ALA A 341 1.84 30.40 4.32
N GLY A 342 1.95 30.99 5.47
CA GLY A 342 3.27 31.52 5.75
C GLY A 342 4.22 30.57 6.46
N GLU A 343 3.86 29.29 6.58
CA GLU A 343 4.58 28.45 7.52
C GLU A 343 6.10 28.36 7.25
N ARG A 344 6.84 28.22 8.35
CA ARG A 344 8.28 28.02 8.34
C ARG A 344 8.57 26.67 9.01
N THR A 345 9.58 26.67 9.86
CA THR A 345 9.96 25.49 10.64
C THR A 345 8.88 25.11 11.63
N TRP A 346 8.65 23.81 11.74
CA TRP A 346 7.73 23.20 12.73
C TRP A 346 7.89 23.85 14.08
N ALA A 347 9.14 23.90 14.57
CA ALA A 347 9.45 24.60 15.81
C ALA A 347 8.86 26.02 15.94
N GLU A 348 8.94 26.81 14.89
CA GLU A 348 8.46 28.20 14.94
C GLU A 348 6.95 28.26 15.01
N THR A 349 6.27 27.47 14.19
CA THR A 349 4.82 27.37 14.18
C THR A 349 4.30 27.03 15.58
N MET A 350 5.01 26.15 16.28
CA MET A 350 4.57 25.67 17.61
C MET A 350 4.85 26.59 18.81
N GLY A 351 5.94 27.34 18.79
CA GLY A 351 6.37 28.13 19.94
C GLY A 351 7.32 27.33 20.83
N LEU A 352 7.87 26.28 20.25
CA LEU A 352 8.70 25.32 20.95
C LEU A 352 10.09 25.87 21.25
N ASN A 353 10.40 26.13 22.51
CA ASN A 353 11.76 26.58 22.82
C ASN A 353 12.69 25.44 23.22
N THR A 354 13.91 25.77 23.59
CA THR A 354 14.96 24.78 23.73
C THR A 354 14.76 23.74 24.85
N ALA A 355 13.95 24.02 25.86
CA ALA A 355 13.77 23.04 26.95
C ALA A 355 12.39 22.35 27.02
N ASP A 356 11.61 22.49 25.97
CA ASP A 356 10.23 22.05 25.95
C ASP A 356 10.18 20.60 25.49
N THR A 357 8.96 20.05 25.46
CA THR A 357 8.71 18.74 24.91
C THR A 357 7.57 18.82 23.93
N ALA A 358 7.57 17.91 22.99
CA ALA A 358 6.48 17.84 22.04
C ALA A 358 5.71 16.56 22.26
N ARG A 359 4.43 16.60 21.92
CA ARG A 359 3.52 15.49 22.06
C ARG A 359 3.13 15.06 20.62
N LEU A 360 2.86 13.77 20.43
CA LEU A 360 2.56 13.22 19.14
C LEU A 360 1.29 12.39 19.24
N ASN A 361 0.40 12.55 18.27
CA ASN A 361 -0.77 11.68 18.15
C ASN A 361 -0.99 11.38 16.66
N ALA A 362 -1.66 10.27 16.36
CA ALA A 362 -1.72 9.81 15.00
C ALA A 362 -2.92 8.90 14.82
N ASN A 363 -3.41 8.80 13.60
CA ASN A 363 -4.35 7.77 13.27
C ASN A 363 -3.66 6.63 12.53
N ILE A 364 -4.03 5.41 12.90
CA ILE A 364 -3.41 4.23 12.30
C ILE A 364 -4.49 3.21 11.98
N ARG A 365 -4.24 2.39 10.95
CA ARG A 365 -4.92 1.12 10.76
C ARG A 365 -3.88 0.00 10.69
N TYR A 366 -4.31 -1.21 11.10
CA TYR A 366 -3.61 -2.46 10.81
C TYR A 366 -3.95 -2.98 9.42
N VAL A 367 -2.97 -3.69 8.85
CA VAL A 367 -3.10 -4.08 7.46
C VAL A 367 -2.58 -5.47 7.40
N ASN A 368 -3.42 -6.37 6.87
CA ASN A 368 -3.08 -7.79 6.68
C ASN A 368 -2.77 -8.11 5.22
N THR A 369 -1.51 -8.35 4.93
CA THR A 369 -1.18 -8.60 3.53
C THR A 369 -0.82 -10.04 3.38
N GLY A 370 -1.19 -10.83 4.39
CA GLY A 370 -0.99 -12.26 4.40
C GLY A 370 -2.12 -13.05 3.74
N THR A 371 -2.28 -14.31 4.13
CA THR A 371 -3.24 -15.15 3.44
C THR A 371 -4.23 -15.83 4.40
N ALA A 372 -4.18 -15.46 5.66
CA ALA A 372 -5.13 -15.98 6.66
C ALA A 372 -5.59 -14.86 7.64
N PRO A 373 -6.80 -14.95 8.21
CA PRO A 373 -7.28 -13.90 9.12
C PRO A 373 -6.71 -13.95 10.53
N ILE A 374 -6.93 -12.84 11.25
CA ILE A 374 -6.58 -12.75 12.67
C ILE A 374 -7.83 -12.45 13.46
N TYR A 375 -8.01 -13.11 14.60
CA TYR A 375 -9.24 -12.93 15.36
C TYR A 375 -9.14 -12.31 16.79
N ASN A 376 -8.19 -12.74 17.62
CA ASN A 376 -8.30 -12.29 19.01
C ASN A 376 -7.11 -11.53 19.66
N VAL A 377 -6.17 -11.08 18.84
CA VAL A 377 -4.94 -10.49 19.32
C VAL A 377 -4.28 -9.77 18.16
N LEU A 378 -4.18 -8.45 18.25
CA LEU A 378 -3.36 -7.71 17.31
C LEU A 378 -1.87 -7.80 17.74
N PRO A 379 -0.95 -7.80 16.79
CA PRO A 379 0.48 -7.80 17.14
C PRO A 379 0.86 -6.48 17.84
N THR A 380 1.98 -6.46 18.56
CA THR A 380 2.41 -5.27 19.29
C THR A 380 3.47 -4.51 18.49
N THR A 381 3.41 -3.18 18.59
CA THR A 381 4.20 -2.26 17.74
C THR A 381 4.98 -1.16 18.45
N SER A 382 6.25 -1.02 18.10
CA SER A 382 7.02 0.06 18.62
C SER A 382 6.98 1.20 17.61
N LEU A 383 6.56 2.42 18.03
CA LEU A 383 6.78 3.61 17.19
C LEU A 383 8.22 4.06 17.32
N VAL A 384 8.95 4.14 16.20
CA VAL A 384 10.38 4.43 16.30
C VAL A 384 10.85 5.60 15.46
N LEU A 385 11.73 6.39 16.08
CA LEU A 385 12.38 7.53 15.46
C LEU A 385 13.85 7.25 15.28
N GLY A 386 14.39 7.69 14.14
CA GLY A 386 15.77 7.42 13.80
C GLY A 386 16.06 5.95 13.79
N LYS A 387 17.25 5.58 14.21
CA LYS A 387 17.68 4.19 14.10
C LYS A 387 16.89 3.40 15.09
N ASN A 388 16.78 3.91 16.31
CA ASN A 388 16.26 3.09 17.39
C ASN A 388 15.80 3.74 18.73
N GLN A 389 15.27 4.96 18.64
CA GLN A 389 14.60 5.65 19.76
C GLN A 389 13.11 5.29 19.79
N THR A 390 12.72 4.30 20.60
CA THR A 390 11.30 3.97 20.71
C THR A 390 10.56 5.10 21.35
N LEU A 391 9.61 5.67 20.63
CA LEU A 391 8.73 6.66 21.25
C LEU A 391 7.57 6.04 21.98
N ALA A 392 7.15 4.83 21.57
CA ALA A 392 5.86 4.29 22.02
C ALA A 392 5.65 2.85 21.72
N THR A 393 4.93 2.18 22.61
CA THR A 393 4.38 0.85 22.35
C THR A 393 2.88 0.95 22.00
N ILE A 394 2.45 0.33 20.93
CA ILE A 394 1.05 0.37 20.58
C ILE A 394 0.48 -1.03 20.83
N LYS A 395 -0.42 -1.14 21.82
CA LYS A 395 -1.07 -2.39 22.21
C LYS A 395 -2.51 -2.24 21.89
N ALA A 396 -3.13 -3.32 21.45
CA ALA A 396 -4.59 -3.36 21.42
C ALA A 396 -5.06 -4.30 22.54
N LYS A 397 -6.18 -3.97 23.20
CA LYS A 397 -6.84 -4.89 24.12
C LYS A 397 -7.02 -6.34 23.53
N GLU A 398 -6.38 -7.36 24.12
CA GLU A 398 -6.61 -8.74 23.67
C GLU A 398 -8.09 -9.15 23.78
N ASN A 399 -8.55 -9.97 22.84
CA ASN A 399 -9.90 -10.61 22.89
C ASN A 399 -11.11 -9.67 22.90
N GLN A 400 -10.87 -8.45 22.48
CA GLN A 400 -11.92 -7.47 22.31
C GLN A 400 -11.69 -6.81 20.95
N LEU A 401 -11.35 -7.60 19.94
CA LEU A 401 -11.39 -7.06 18.57
C LEU A 401 -12.84 -6.78 18.17
N SER A 402 -13.06 -5.64 17.54
CA SER A 402 -14.40 -5.22 17.10
C SER A 402 -14.82 -5.85 15.77
N GLN A 403 -13.88 -6.49 15.09
CA GLN A 403 -14.14 -7.24 13.85
C GLN A 403 -12.96 -8.19 13.71
N ILE A 404 -12.88 -8.85 12.58
CA ILE A 404 -11.74 -9.68 12.34
C ILE A 404 -10.78 -8.94 11.40
N LEU A 405 -9.49 -9.23 11.47
CA LEU A 405 -8.54 -8.64 10.49
C LEU A 405 -8.22 -9.60 9.34
N ALA A 406 -8.92 -9.43 8.22
CA ALA A 406 -8.89 -10.37 7.09
C ALA A 406 -7.74 -10.13 6.12
N PRO A 407 -7.26 -11.16 5.40
CA PRO A 407 -6.30 -10.94 4.30
C PRO A 407 -6.77 -9.88 3.32
N ASN A 408 -5.80 -9.05 2.93
CA ASN A 408 -6.00 -7.97 1.99
C ASN A 408 -6.98 -6.97 2.53
N ASN A 409 -6.91 -6.67 3.82
CA ASN A 409 -7.91 -5.82 4.42
C ASN A 409 -7.31 -5.09 5.56
N TYR A 410 -8.11 -4.21 6.17
CA TYR A 410 -7.62 -3.33 7.19
C TYR A 410 -8.41 -3.52 8.45
N TYR A 411 -7.82 -3.08 9.56
CA TYR A 411 -8.52 -3.02 10.84
C TYR A 411 -8.25 -1.69 11.55
N PRO A 412 -9.25 -0.88 11.80
CA PRO A 412 -10.62 -1.16 11.37
C PRO A 412 -10.76 -0.97 9.88
N SER A 413 -11.79 -1.59 9.31
CA SER A 413 -12.04 -1.47 7.87
C SER A 413 -12.33 -0.04 7.42
N LYS A 414 -12.06 0.18 6.12
CA LYS A 414 -12.04 1.51 5.53
C LYS A 414 -13.38 2.24 5.66
N ASN A 415 -14.49 1.51 5.76
CA ASN A 415 -15.75 2.20 6.00
C ASN A 415 -15.88 2.78 7.42
N LEU A 416 -14.86 2.60 8.27
CA LEU A 416 -14.90 3.12 9.64
C LEU A 416 -13.73 3.99 10.01
N ALA A 417 -13.92 4.83 11.01
CA ALA A 417 -12.89 5.67 11.61
C ALA A 417 -11.65 4.80 11.99
N PRO A 418 -10.45 5.32 11.84
CA PRO A 418 -9.26 4.54 12.19
C PRO A 418 -9.02 4.60 13.70
N ILE A 419 -7.98 3.93 14.18
CA ILE A 419 -7.59 3.98 15.58
C ILE A 419 -6.69 5.20 15.82
N ALA A 420 -6.92 5.89 16.93
CA ALA A 420 -6.05 6.96 17.35
C ALA A 420 -5.08 6.44 18.41
N LEU A 421 -3.81 6.75 18.27
CA LEU A 421 -2.84 6.36 19.29
C LEU A 421 -3.28 6.80 20.69
N ASN A 422 -3.82 8.01 20.82
CA ASN A 422 -4.50 8.45 22.04
C ASN A 422 -5.91 8.82 21.67
N ALA A 423 -6.87 7.96 21.97
CA ALA A 423 -8.28 8.25 21.73
C ALA A 423 -8.70 9.32 22.74
N GLN A 424 -9.67 10.15 22.36
CA GLN A 424 -10.03 11.35 23.15
C GLN A 424 -10.90 11.05 24.36
N ASP A 425 -11.58 9.92 24.32
CA ASP A 425 -12.31 9.44 25.46
C ASP A 425 -11.36 9.03 26.61
N ASP A 426 -10.18 8.49 26.23
CA ASP A 426 -9.27 7.81 27.14
C ASP A 426 -8.28 8.74 27.82
N PHE A 427 -8.68 9.24 28.97
CA PHE A 427 -7.81 10.03 29.81
C PHE A 427 -6.61 9.26 30.37
N SER A 428 -6.62 7.92 30.37
CA SER A 428 -5.46 7.16 30.85
C SER A 428 -4.54 6.55 29.77
N SER A 429 -4.76 6.88 28.50
CA SER A 429 -3.84 6.44 27.46
C SER A 429 -2.46 7.10 27.68
N THR A 430 -1.39 6.41 27.29
CA THR A 430 -0.02 6.89 27.49
C THR A 430 0.31 7.99 26.48
N PRO A 431 0.77 9.15 26.96
CA PRO A 431 1.20 10.24 26.06
C PRO A 431 2.45 9.82 25.31
N ILE A 432 2.57 10.20 24.05
CA ILE A 432 3.79 9.96 23.30
C ILE A 432 4.54 11.31 23.14
N THR A 433 5.65 11.45 23.88
CA THR A 433 6.37 12.70 23.90
C THR A 433 7.71 12.63 23.18
N MET A 434 8.23 13.78 22.79
CA MET A 434 9.57 13.93 22.23
C MET A 434 10.29 15.04 22.95
N ASN A 435 11.60 14.84 23.20
CA ASN A 435 12.46 15.92 23.67
C ASN A 435 12.77 16.87 22.49
N TYR A 436 13.33 18.04 22.78
CA TYR A 436 13.51 19.05 21.75
C TYR A 436 14.37 18.50 20.58
N ASN A 437 15.53 17.98 20.94
CA ASN A 437 16.48 17.41 20.03
C ASN A 437 15.77 16.42 19.06
N GLN A 438 14.98 15.48 19.59
CA GLN A 438 14.21 14.49 18.80
C GLN A 438 13.19 15.09 17.82
N PHE A 439 12.49 16.14 18.25
CA PHE A 439 11.55 16.86 17.40
C PHE A 439 12.24 17.53 16.22
N LEU A 440 13.43 18.09 16.45
CA LEU A 440 14.27 18.56 15.34
C LEU A 440 14.69 17.41 14.39
N GLU A 441 15.03 16.25 14.95
CA GLU A 441 15.31 15.07 14.16
C GLU A 441 14.09 14.79 13.29
N LEU A 442 12.91 14.75 13.91
CA LEU A 442 11.70 14.37 13.20
C LEU A 442 11.44 15.32 12.05
N GLU A 443 11.55 16.62 12.33
CA GLU A 443 11.47 17.67 11.31
C GLU A 443 12.51 17.53 10.22
N LYS A 444 13.72 17.15 10.62
CA LYS A 444 14.78 17.01 9.63
C LYS A 444 14.63 15.72 8.77
N THR A 445 14.11 14.62 9.32
CA THR A 445 14.04 13.39 8.51
C THR A 445 12.64 13.12 8.02
N LYS A 446 11.65 13.70 8.68
CA LYS A 446 10.21 13.52 8.36
C LYS A 446 9.75 12.08 8.14
N GLN A 447 10.21 11.22 9.03
CA GLN A 447 10.13 9.78 8.83
C GLN A 447 9.87 9.06 10.14
N LEU A 448 9.02 8.05 10.14
CA LEU A 448 8.93 7.19 11.31
C LEU A 448 8.90 5.72 10.85
N ARG A 449 9.17 4.83 11.80
CA ARG A 449 9.15 3.43 11.55
C ARG A 449 8.28 2.80 12.62
N LEU A 450 7.55 1.78 12.23
CA LEU A 450 6.64 1.04 13.06
C LEU A 450 7.07 -0.43 12.99
N ASP A 451 7.61 -0.96 14.09
CA ASP A 451 8.05 -2.38 14.20
C ASP A 451 6.99 -3.21 14.91
N THR A 452 6.43 -4.18 14.20
CA THR A 452 5.28 -4.95 14.65
C THR A 452 5.77 -6.38 14.81
N ASP A 453 5.44 -6.99 15.94
CA ASP A 453 5.86 -8.38 16.21
C ASP A 453 4.91 -9.35 15.50
N GLN A 454 5.21 -10.64 15.60
CA GLN A 454 4.42 -11.66 14.90
C GLN A 454 3.46 -12.42 15.84
N VAL A 455 2.99 -11.76 16.88
CA VAL A 455 2.10 -12.38 17.84
C VAL A 455 0.64 -12.14 17.42
N TYR A 456 -0.02 -13.16 16.93
CA TYR A 456 -1.31 -13.04 16.23
C TYR A 456 -2.53 -13.72 16.90
N GLY A 457 -2.31 -14.52 17.95
CA GLY A 457 -3.39 -15.12 18.69
C GLY A 457 -3.85 -16.46 18.20
N ASN A 458 -5.11 -16.76 18.47
CA ASN A 458 -5.64 -18.07 18.16
C ASN A 458 -6.13 -18.20 16.73
N ILE A 459 -6.31 -19.44 16.29
CA ILE A 459 -6.67 -19.75 14.91
C ILE A 459 -8.11 -20.28 14.79
N ALA A 460 -8.86 -19.84 13.78
CA ALA A 460 -10.15 -20.43 13.52
C ALA A 460 -9.91 -21.65 12.64
N THR A 461 -10.11 -22.83 13.18
CA THR A 461 -9.88 -24.08 12.45
C THR A 461 -11.19 -24.83 12.20
N TYR A 462 -11.17 -25.79 11.28
CA TYR A 462 -12.36 -26.58 10.96
C TYR A 462 -12.58 -27.66 12.00
N ASN A 463 -13.82 -27.98 12.28
CA ASN A 463 -14.13 -29.00 13.25
C ASN A 463 -15.05 -30.00 12.57
N PHE A 464 -14.57 -31.24 12.44
CA PHE A 464 -15.28 -32.29 11.69
C PHE A 464 -16.54 -32.86 12.38
N GLU A 465 -16.69 -32.69 13.69
CA GLU A 465 -17.99 -33.06 14.29
C GLU A 465 -19.07 -31.98 14.22
N ASN A 466 -18.66 -30.72 14.04
CA ASN A 466 -19.58 -29.59 13.88
C ASN A 466 -19.86 -29.37 12.43
N GLY A 467 -18.83 -29.58 11.63
CA GLY A 467 -18.82 -29.05 10.30
C GLY A 467 -18.71 -27.54 10.32
N ARG A 468 -18.32 -26.91 11.42
CA ARG A 468 -18.10 -25.46 11.43
C ARG A 468 -16.65 -25.09 11.62
N VAL A 469 -16.34 -23.83 11.32
CA VAL A 469 -15.05 -23.23 11.56
C VAL A 469 -15.15 -22.42 12.83
N ARG A 470 -14.30 -22.66 13.82
CA ARG A 470 -14.39 -21.89 15.09
C ARG A 470 -13.00 -21.52 15.57
N VAL A 471 -12.88 -20.42 16.33
CA VAL A 471 -11.59 -20.04 16.93
C VAL A 471 -11.29 -21.04 18.00
N ASP A 472 -10.19 -21.76 17.86
CA ASP A 472 -9.84 -22.85 18.74
C ASP A 472 -8.77 -22.35 19.71
N THR A 473 -9.01 -22.47 21.01
CA THR A 473 -8.10 -21.85 21.95
C THR A 473 -6.84 -22.64 22.18
N GLY A 474 -6.79 -23.90 21.75
CA GLY A 474 -5.55 -24.66 21.74
C GLY A 474 -4.65 -24.41 20.51
N SER A 475 -5.18 -23.71 19.50
CA SER A 475 -4.45 -23.38 18.28
C SER A 475 -3.92 -21.95 18.28
N ASN A 476 -2.61 -21.77 18.08
CA ASN A 476 -2.03 -20.43 18.16
C ASN A 476 -1.10 -20.24 17.01
N TRP A 477 -1.13 -19.06 16.40
CA TRP A 477 -0.28 -18.75 15.27
C TRP A 477 1.18 -18.79 15.64
N SER A 478 1.50 -18.64 16.93
CA SER A 478 2.90 -18.63 17.31
C SER A 478 3.56 -19.98 17.13
N GLU A 479 2.76 -21.02 17.14
CA GLU A 479 3.32 -22.34 17.10
C GLU A 479 3.45 -22.74 15.64
N VAL A 480 2.69 -22.09 14.77
CA VAL A 480 2.54 -22.47 13.37
C VAL A 480 3.54 -21.73 12.50
N LEU A 481 3.64 -20.43 12.74
CA LEU A 481 4.56 -19.62 11.94
C LEU A 481 5.98 -20.16 11.72
N PRO A 482 6.69 -20.56 12.79
CA PRO A 482 8.06 -21.10 12.65
C PRO A 482 8.11 -22.31 11.72
N GLN A 483 7.10 -23.17 11.79
CA GLN A 483 7.04 -24.33 10.91
C GLN A 483 6.87 -23.92 9.48
N ILE A 484 6.04 -22.90 9.23
CA ILE A 484 5.85 -22.40 7.89
C ILE A 484 7.19 -21.87 7.37
N GLN A 485 7.81 -21.02 8.17
CA GLN A 485 9.07 -20.38 7.79
C GLN A 485 10.16 -21.35 7.46
N GLU A 486 10.13 -22.51 8.08
CA GLU A 486 11.17 -23.51 7.98
C GLU A 486 11.02 -24.45 6.78
N THR A 487 9.78 -24.62 6.34
CA THR A 487 9.56 -25.58 5.30
C THR A 487 9.09 -24.95 3.99
N THR A 488 9.27 -23.64 3.80
CA THR A 488 8.77 -23.02 2.59
C THR A 488 9.78 -22.13 1.97
N ALA A 489 9.58 -21.83 0.70
CA ALA A 489 10.36 -20.75 0.09
C ALA A 489 9.57 -19.45 0.21
N ARG A 490 10.24 -18.35 0.50
CA ARG A 490 9.62 -17.03 0.44
C ARG A 490 9.87 -16.24 -0.84
N ILE A 491 8.78 -15.81 -1.46
CA ILE A 491 8.86 -14.85 -2.55
C ILE A 491 8.24 -13.51 -2.17
N ILE A 492 8.99 -12.43 -2.34
CA ILE A 492 8.43 -11.12 -2.11
C ILE A 492 8.31 -10.44 -3.44
N PHE A 493 7.08 -10.05 -3.82
CA PHE A 493 6.77 -9.53 -5.15
C PHE A 493 6.08 -8.16 -5.12
N ASN A 494 6.51 -7.22 -5.96
CA ASN A 494 5.94 -5.86 -5.90
C ASN A 494 5.07 -5.36 -7.09
N GLY A 495 4.63 -6.27 -7.93
CA GLY A 495 3.97 -5.85 -9.14
C GLY A 495 2.56 -5.35 -9.01
N LYS A 496 1.97 -5.44 -7.82
CA LYS A 496 0.54 -5.17 -7.68
C LYS A 496 0.33 -3.67 -7.74
N ASP A 497 0.83 -2.91 -6.77
CA ASP A 497 0.97 -1.45 -6.94
C ASP A 497 2.27 -0.95 -6.32
N LEU A 498 3.36 -1.69 -6.56
CA LEU A 498 4.69 -1.43 -6.03
C LEU A 498 4.78 -1.65 -4.52
N ASN A 499 3.80 -2.28 -3.92
CA ASN A 499 3.88 -2.62 -2.51
C ASN A 499 4.45 -4.01 -2.37
N LEU A 500 5.36 -4.21 -1.42
CA LEU A 500 5.94 -5.54 -1.20
C LEU A 500 4.90 -6.48 -0.65
N VAL A 501 4.56 -7.51 -1.41
CA VAL A 501 3.66 -8.56 -1.00
C VAL A 501 4.40 -9.91 -0.93
N GLU A 502 4.23 -10.62 0.19
CA GLU A 502 5.04 -11.81 0.52
C GLU A 502 4.19 -13.04 0.44
N ARG A 503 4.76 -14.09 -0.12
CA ARG A 503 4.08 -15.38 -0.13
C ARG A 503 5.05 -16.48 0.15
N ARG A 504 4.55 -17.54 0.76
CA ARG A 504 5.39 -18.70 0.98
C ARG A 504 4.84 -19.96 0.30
N ILE A 505 5.75 -20.70 -0.30
CA ILE A 505 5.36 -21.91 -1.04
C ILE A 505 6.02 -23.12 -0.47
N ALA A 506 5.26 -24.16 -0.20
CA ALA A 506 5.86 -25.43 0.26
C ALA A 506 6.97 -25.85 -0.70
N ALA A 507 8.13 -26.16 -0.13
CA ALA A 507 9.28 -26.66 -0.90
C ALA A 507 10.17 -27.66 -0.11
N VAL A 508 10.91 -28.48 -0.85
CA VAL A 508 11.78 -29.47 -0.30
C VAL A 508 13.00 -28.86 0.40
N ASN A 509 13.30 -29.39 1.58
CA ASN A 509 14.67 -29.44 2.12
C ASN A 509 15.38 -30.67 1.58
N PRO A 510 16.33 -30.47 0.67
CA PRO A 510 17.01 -31.61 0.01
C PRO A 510 17.72 -32.54 1.00
N SER A 511 18.11 -32.01 2.16
CA SER A 511 18.79 -32.79 3.20
C SER A 511 17.91 -33.57 4.21
N ASP A 512 16.59 -33.34 4.25
CA ASP A 512 15.72 -34.07 5.20
C ASP A 512 15.19 -35.44 4.70
N PRO A 513 15.60 -36.55 5.33
CA PRO A 513 15.26 -37.89 4.83
C PRO A 513 13.75 -38.18 4.72
N LEU A 514 12.92 -37.33 5.33
CA LEU A 514 11.46 -37.52 5.31
C LEU A 514 10.75 -36.55 4.36
N GLU A 515 11.53 -35.61 3.82
CA GLU A 515 11.05 -34.61 2.85
C GLU A 515 11.05 -35.19 1.41
N THR A 516 11.23 -36.49 1.36
CA THR A 516 11.61 -37.22 0.16
C THR A 516 10.50 -37.45 -0.89
N THR A 517 9.36 -36.80 -0.68
CA THR A 517 8.07 -37.23 -1.13
C THR A 517 7.19 -35.97 -1.14
N LYS A 518 7.82 -34.86 -0.79
CA LYS A 518 7.24 -33.56 -0.98
C LYS A 518 7.27 -33.18 -2.48
N PRO A 519 6.22 -32.55 -2.96
CA PRO A 519 6.20 -32.14 -4.36
C PRO A 519 7.39 -31.25 -4.71
N ASP A 520 7.89 -31.44 -5.93
CA ASP A 520 8.90 -30.57 -6.52
C ASP A 520 8.33 -29.22 -6.79
N MET A 521 9.09 -28.16 -6.55
CA MET A 521 8.56 -26.84 -6.81
C MET A 521 9.47 -26.09 -7.72
N THR A 522 8.94 -25.67 -8.85
CA THR A 522 9.71 -24.83 -9.71
C THR A 522 9.33 -23.39 -9.49
N LEU A 523 10.23 -22.52 -9.88
CA LEU A 523 10.04 -21.08 -9.79
C LEU A 523 8.79 -20.62 -10.58
N LYS A 524 8.61 -21.21 -11.78
CA LYS A 524 7.42 -20.95 -12.61
C LYS A 524 6.12 -21.27 -11.88
N GLU A 525 5.98 -22.50 -11.40
CA GLU A 525 4.73 -22.86 -10.69
C GLU A 525 4.51 -21.95 -9.48
N ALA A 526 5.56 -21.65 -8.72
CA ALA A 526 5.42 -20.85 -7.50
C ALA A 526 4.84 -19.47 -7.82
N LEU A 527 5.36 -18.83 -8.87
CA LEU A 527 4.84 -17.56 -9.31
C LEU A 527 3.37 -17.66 -9.75
N LYS A 528 3.00 -18.78 -10.37
CA LYS A 528 1.64 -18.87 -10.88
C LYS A 528 0.69 -19.06 -9.70
N ILE A 529 0.95 -20.10 -8.91
CA ILE A 529 0.04 -20.43 -7.81
C ILE A 529 0.00 -19.40 -6.67
N ALA A 530 1.13 -18.76 -6.36
CA ALA A 530 1.19 -17.78 -5.26
C ALA A 530 0.75 -16.34 -5.61
N PHE A 531 0.94 -15.94 -6.88
CA PHE A 531 0.75 -14.56 -7.29
C PHE A 531 -0.16 -14.42 -8.47
N GLY A 532 -0.44 -15.50 -9.19
CA GLY A 532 -1.32 -15.46 -10.31
C GLY A 532 -0.65 -15.05 -11.60
N PHE A 533 0.66 -15.19 -11.74
CA PHE A 533 1.24 -15.08 -13.08
C PHE A 533 0.54 -16.18 -13.86
N ASN A 534 0.41 -16.03 -15.17
CA ASN A 534 -0.25 -17.04 -16.02
C ASN A 534 0.43 -16.96 -17.35
N GLU A 535 0.13 -17.90 -18.23
CA GLU A 535 0.76 -17.92 -19.55
C GLU A 535 -0.27 -17.88 -20.64
N PRO A 536 -0.98 -16.77 -20.82
CA PRO A 536 -1.98 -16.69 -21.88
C PRO A 536 -1.43 -17.03 -23.27
N ASN A 537 -0.27 -16.50 -23.66
CA ASN A 537 0.19 -16.79 -25.02
C ASN A 537 1.67 -17.15 -25.13
N GLY A 538 2.08 -18.19 -24.38
CA GLY A 538 3.46 -18.66 -24.36
C GLY A 538 4.36 -17.99 -23.32
N ASN A 539 4.05 -16.77 -22.87
CA ASN A 539 4.96 -16.02 -21.99
C ASN A 539 4.42 -15.82 -20.59
N LEU A 540 5.22 -16.14 -19.61
CA LEU A 540 4.79 -16.01 -18.25
C LEU A 540 4.61 -14.52 -17.94
N GLN A 541 3.44 -14.15 -17.43
CA GLN A 541 3.16 -12.72 -17.18
C GLN A 541 2.24 -12.49 -16.00
N TYR A 542 2.18 -11.24 -15.60
CA TYR A 542 1.35 -10.80 -14.50
C TYR A 542 0.70 -9.52 -14.98
N GLN A 543 -0.60 -9.61 -15.29
CA GLN A 543 -1.39 -8.44 -15.65
C GLN A 543 -0.81 -7.57 -16.75
N GLY A 544 -0.58 -8.12 -17.92
CA GLY A 544 -0.05 -7.36 -19.03
C GLY A 544 1.44 -7.09 -19.00
N LYS A 545 2.10 -7.47 -17.91
CA LYS A 545 3.52 -7.26 -17.77
C LYS A 545 4.23 -8.58 -17.88
N ASP A 546 5.10 -8.66 -18.89
CA ASP A 546 5.94 -9.82 -19.06
C ASP A 546 6.82 -10.08 -17.84
N ILE A 547 7.15 -11.35 -17.56
CA ILE A 547 8.06 -11.70 -16.46
C ILE A 547 9.41 -10.98 -16.56
N THR A 548 9.89 -10.71 -17.78
CA THR A 548 11.19 -10.06 -17.98
C THR A 548 11.17 -8.57 -17.58
N GLU A 549 10.00 -8.01 -17.30
CA GLU A 549 9.91 -6.64 -16.76
C GLU A 549 10.19 -6.56 -15.26
N PHE A 550 10.45 -7.72 -14.68
CA PHE A 550 10.73 -7.89 -13.25
C PHE A 550 12.08 -8.54 -13.06
N ASP A 551 12.75 -8.07 -12.02
CA ASP A 551 14.09 -8.49 -11.67
C ASP A 551 14.06 -9.55 -10.55
N PHE A 552 14.90 -10.58 -10.70
CA PHE A 552 15.10 -11.57 -9.67
C PHE A 552 16.32 -11.25 -8.84
N ASN A 553 16.08 -11.11 -7.54
CA ASN A 553 17.14 -10.92 -6.57
C ASN A 553 17.01 -11.94 -5.41
N PHE A 554 18.10 -12.55 -4.97
CA PHE A 554 18.07 -13.59 -3.95
C PHE A 554 18.96 -13.26 -2.75
N ASP A 555 18.66 -13.88 -1.60
CA ASP A 555 19.59 -13.83 -0.45
C ASP A 555 20.94 -14.49 -0.84
N GLN A 556 22.00 -14.21 -0.11
CA GLN A 556 23.33 -14.72 -0.44
C GLN A 556 23.40 -16.25 -0.75
N GLN A 557 22.71 -17.06 0.04
CA GLN A 557 22.73 -18.52 -0.10
C GLN A 557 21.87 -19.08 -1.21
N THR A 558 20.66 -18.56 -1.33
CA THR A 558 19.81 -18.83 -2.46
C THR A 558 20.54 -18.48 -3.74
N SER A 559 21.19 -17.33 -3.75
CA SER A 559 21.92 -16.86 -4.93
C SER A 559 22.89 -17.88 -5.45
N GLN A 560 23.79 -18.37 -4.59
CA GLN A 560 24.68 -19.47 -4.97
C GLN A 560 23.96 -20.69 -5.50
N ASN A 561 22.95 -21.13 -4.76
CA ASN A 561 22.13 -22.25 -5.19
C ASN A 561 21.58 -22.03 -6.61
N ILE A 562 20.94 -20.89 -6.89
CA ILE A 562 20.38 -20.61 -8.20
C ILE A 562 21.41 -20.61 -9.31
N LYS A 563 22.53 -19.95 -9.05
CA LYS A 563 23.63 -19.79 -9.98
C LYS A 563 24.17 -21.16 -10.38
N ASN A 564 24.12 -22.12 -9.45
CA ASN A 564 24.67 -23.46 -9.70
C ASN A 564 23.68 -24.22 -10.55
N GLN A 565 22.41 -24.03 -10.23
CA GLN A 565 21.37 -24.63 -11.02
C GLN A 565 21.50 -24.19 -12.51
N LEU A 566 21.88 -22.94 -12.74
CA LEU A 566 21.92 -22.38 -14.07
C LEU A 566 23.10 -22.92 -14.88
N ALA A 567 24.26 -22.96 -14.22
CA ALA A 567 25.49 -23.56 -14.73
C ALA A 567 25.24 -25.01 -15.15
N GLU A 568 24.67 -25.80 -14.24
CA GLU A 568 24.19 -27.18 -14.48
C GLU A 568 23.25 -27.28 -15.70
N LEU A 569 22.43 -26.25 -15.92
CA LEU A 569 21.52 -26.17 -17.07
C LEU A 569 22.12 -25.58 -18.32
N ASN A 570 23.37 -25.13 -18.26
CA ASN A 570 23.96 -24.26 -19.29
C ASN A 570 23.19 -22.99 -19.64
N ALA A 571 22.44 -22.49 -18.70
CA ALA A 571 21.63 -21.36 -19.03
C ALA A 571 22.38 -20.16 -18.55
N THR A 572 22.18 -19.07 -19.24
CA THR A 572 22.87 -17.86 -18.90
C THR A 572 21.85 -16.87 -18.43
N ASN A 573 20.58 -17.22 -18.63
CA ASN A 573 19.47 -16.30 -18.40
C ASN A 573 18.31 -16.95 -17.66
N ILE A 574 17.97 -16.42 -16.50
CA ILE A 574 16.97 -17.08 -15.69
C ILE A 574 15.57 -17.14 -16.32
N TYR A 575 15.26 -16.18 -17.16
CA TYR A 575 13.94 -16.22 -17.79
C TYR A 575 13.75 -17.42 -18.72
N THR A 576 14.82 -17.94 -19.32
CA THR A 576 14.68 -19.12 -20.23
C THR A 576 14.27 -20.40 -19.52
N VAL A 577 14.56 -20.50 -18.22
CA VAL A 577 14.54 -21.78 -17.50
C VAL A 577 13.78 -21.73 -16.15
N LEU A 578 12.76 -20.86 -16.08
CA LEU A 578 11.89 -20.72 -14.89
C LEU A 578 11.18 -22.03 -14.49
N ASP A 579 10.84 -22.84 -15.50
CA ASP A 579 10.19 -24.13 -15.24
C ASP A 579 11.20 -25.21 -14.86
N LYS A 580 12.48 -24.92 -15.03
CA LYS A 580 13.55 -25.86 -14.70
C LYS A 580 14.25 -25.56 -13.39
N ILE A 581 14.01 -24.38 -12.82
CA ILE A 581 14.70 -23.97 -11.62
C ILE A 581 13.93 -24.47 -10.39
N LYS A 582 14.59 -25.26 -9.53
CA LYS A 582 13.92 -25.83 -8.36
C LYS A 582 14.07 -24.95 -7.13
N LEU A 583 12.94 -24.72 -6.47
CA LEU A 583 12.86 -24.07 -5.18
C LEU A 583 13.17 -25.02 -4.05
N ASN A 584 13.85 -24.52 -3.04
CA ASN A 584 14.04 -25.27 -1.79
C ASN A 584 13.47 -24.49 -0.62
N ALA A 585 13.22 -25.17 0.50
CA ALA A 585 12.88 -24.50 1.76
C ALA A 585 13.97 -23.54 2.18
N LYS A 586 13.54 -22.40 2.70
CA LYS A 586 14.37 -21.41 3.36
C LYS A 586 15.08 -20.46 2.36
N MET A 587 14.58 -20.43 1.12
CA MET A 587 15.03 -19.52 0.10
C MET A 587 14.22 -18.23 0.20
N ASN A 588 14.85 -17.14 -0.22
CA ASN A 588 14.22 -15.84 -0.20
C ASN A 588 14.41 -15.28 -1.59
N ILE A 589 13.31 -14.86 -2.20
CA ILE A 589 13.36 -14.36 -3.55
C ILE A 589 12.65 -13.02 -3.61
N LEU A 590 13.31 -12.02 -4.15
CA LEU A 590 12.80 -10.68 -4.19
C LEU A 590 12.62 -10.30 -5.66
N ILE A 591 11.37 -9.97 -5.98
CA ILE A 591 10.97 -9.76 -7.34
C ILE A 591 10.39 -8.40 -7.50
N ARG A 592 11.05 -7.60 -8.35
CA ARG A 592 10.86 -6.17 -8.38
C ARG A 592 10.75 -5.62 -9.80
N ASP A 593 9.73 -4.80 -10.01
CA ASP A 593 9.59 -4.01 -11.24
C ASP A 593 10.87 -3.23 -11.68
N LYS A 594 11.34 -3.52 -12.90
CA LYS A 594 12.60 -2.97 -13.40
C LYS A 594 12.55 -1.50 -13.71
N ARG A 595 11.35 -0.91 -13.79
CA ARG A 595 11.31 0.52 -14.07
C ARG A 595 11.76 1.44 -12.94
N PHE A 596 11.92 0.91 -11.71
CA PHE A 596 12.09 1.82 -10.59
C PHE A 596 13.43 1.71 -9.89
N HIS A 597 13.83 2.79 -9.21
CA HIS A 597 14.95 2.72 -8.28
C HIS A 597 14.41 2.37 -6.90
N TYR A 598 15.18 1.62 -6.12
CA TYR A 598 14.71 1.17 -4.82
C TYR A 598 15.70 1.56 -3.72
N ASP A 599 15.17 2.05 -2.58
CA ASP A 599 16.06 2.23 -1.44
C ASP A 599 16.35 0.91 -0.76
N ARG A 600 17.12 0.91 0.34
CA ARG A 600 17.48 -0.33 1.05
C ARG A 600 16.31 -1.09 1.70
N ASN A 601 15.23 -0.39 2.00
CA ASN A 601 13.98 -1.02 2.43
C ASN A 601 13.15 -1.62 1.28
N ASN A 602 13.60 -1.41 0.05
CA ASN A 602 12.90 -1.82 -1.17
C ASN A 602 11.61 -1.04 -1.47
N ILE A 603 11.54 0.18 -0.98
CA ILE A 603 10.48 1.02 -1.39
C ILE A 603 10.98 1.62 -2.69
N ALA A 604 10.08 1.74 -3.68
CA ALA A 604 10.43 2.38 -4.95
C ALA A 604 10.48 3.84 -4.65
N VAL A 605 11.58 4.49 -5.01
CA VAL A 605 11.80 5.86 -4.61
C VAL A 605 12.12 6.74 -5.83
N GLY A 606 12.18 6.10 -7.01
CA GLY A 606 12.45 6.84 -8.23
C GLY A 606 12.41 5.98 -9.46
N ALA A 607 12.84 6.56 -10.59
CA ALA A 607 12.88 5.92 -11.92
C ALA A 607 13.79 6.71 -12.85
N ASP A 608 14.33 6.08 -13.87
CA ASP A 608 15.17 6.78 -14.85
C ASP A 608 14.42 7.96 -15.38
N GLU A 609 15.21 8.97 -15.72
CA GLU A 609 14.74 10.13 -16.41
C GLU A 609 13.95 9.77 -17.66
N SER A 610 14.45 8.83 -18.44
CA SER A 610 13.77 8.39 -19.65
C SER A 610 12.36 7.81 -19.40
N VAL A 611 12.25 6.95 -18.40
CA VAL A 611 10.98 6.37 -18.02
C VAL A 611 10.03 7.47 -17.59
N VAL A 612 10.53 8.40 -16.79
CA VAL A 612 9.70 9.46 -16.27
C VAL A 612 9.24 10.32 -17.42
N LYS A 613 10.15 10.61 -18.35
CA LYS A 613 9.76 11.47 -19.47
C LYS A 613 8.73 10.82 -20.35
N GLU A 614 8.93 9.53 -20.66
CA GLU A 614 7.95 8.76 -21.43
C GLU A 614 6.57 8.69 -20.76
N ALA A 615 6.51 8.51 -19.45
CA ALA A 615 5.21 8.34 -18.81
C ALA A 615 4.35 9.61 -18.89
N HIS A 616 4.96 10.75 -19.19
CA HIS A 616 4.26 12.02 -19.33
C HIS A 616 4.01 12.44 -20.80
N ARG A 617 4.28 11.56 -21.75
CA ARG A 617 4.06 11.87 -23.18
C ARG A 617 2.59 12.25 -23.53
N GLU A 618 1.63 11.54 -22.95
CA GLU A 618 0.21 11.72 -23.24
C GLU A 618 -0.43 12.95 -22.58
N VAL A 619 -0.31 14.10 -23.23
CA VAL A 619 -0.89 15.31 -22.65
C VAL A 619 -2.28 15.62 -23.17
N ILE A 620 -3.32 15.02 -22.58
CA ILE A 620 -4.73 15.21 -22.97
C ILE A 620 -5.14 16.69 -23.19
N ASN A 621 -4.77 17.55 -22.25
CA ASN A 621 -5.11 18.96 -22.33
C ASN A 621 -4.11 19.90 -21.59
N SER A 622 -3.74 21.02 -22.21
CA SER A 622 -2.85 21.99 -21.53
C SER A 622 -3.38 23.43 -21.59
N SER A 623 -3.10 24.24 -20.56
CA SER A 623 -3.65 25.61 -20.44
C SER A 623 -2.93 26.37 -19.32
N THR A 624 -3.22 27.65 -19.21
CA THR A 624 -2.63 28.51 -18.19
C THR A 624 -3.05 28.07 -16.78
N GLU A 625 -3.95 27.11 -16.69
CA GLU A 625 -4.32 26.56 -15.40
C GLU A 625 -3.60 25.29 -15.05
N GLY A 626 -2.97 24.66 -16.04
CA GLY A 626 -2.32 23.40 -15.81
C GLY A 626 -2.43 22.36 -16.90
N LEU A 627 -1.97 21.16 -16.56
CA LEU A 627 -1.90 20.04 -17.47
C LEU A 627 -2.84 18.96 -17.00
N LEU A 628 -3.58 18.38 -17.95
CA LEU A 628 -4.30 17.14 -17.80
C LEU A 628 -3.60 16.02 -18.60
N LEU A 629 -3.15 14.98 -17.90
CA LEU A 629 -2.43 13.84 -18.50
C LEU A 629 -2.92 12.47 -17.97
N ASN A 630 -2.73 11.42 -18.76
CA ASN A 630 -2.81 10.04 -18.29
C ASN A 630 -1.48 9.50 -17.85
N ILE A 631 -1.24 9.44 -16.56
CA ILE A 631 0.00 8.88 -16.05
C ILE A 631 -0.32 7.57 -15.35
N ASP A 632 0.58 6.61 -15.54
CA ASP A 632 0.44 5.26 -15.02
C ASP A 632 0.50 5.25 -13.47
N LYS A 633 -0.40 4.55 -12.79
CA LYS A 633 -0.48 4.58 -11.30
C LYS A 633 0.85 4.33 -10.60
N ASP A 634 1.70 3.45 -11.15
CA ASP A 634 3.03 3.21 -10.55
C ASP A 634 3.94 4.42 -10.61
N ILE A 635 3.97 5.11 -11.74
CA ILE A 635 4.82 6.30 -11.89
C ILE A 635 4.47 7.36 -10.84
N ARG A 636 3.18 7.64 -10.70
CA ARG A 636 2.66 8.65 -9.77
C ARG A 636 3.21 8.40 -8.35
N LYS A 637 3.28 7.12 -7.99
CA LYS A 637 3.67 6.68 -6.66
C LYS A 637 5.09 7.10 -6.34
N ILE A 638 5.91 7.37 -7.36
CA ILE A 638 7.31 7.71 -7.14
C ILE A 638 7.65 9.18 -7.30
N LEU A 639 6.63 10.01 -7.49
CA LEU A 639 6.84 11.45 -7.67
C LEU A 639 6.33 12.16 -6.43
N SER A 640 7.16 12.98 -5.80
CA SER A 640 6.73 13.70 -4.63
C SER A 640 6.12 15.09 -5.00
N GLY A 641 6.40 15.57 -6.21
CA GLY A 641 5.78 16.79 -6.69
C GLY A 641 6.27 17.23 -8.05
N TYR A 642 5.82 18.43 -8.44
CA TYR A 642 6.20 19.05 -9.70
C TYR A 642 6.52 20.51 -9.50
N ILE A 643 7.41 21.00 -10.37
CA ILE A 643 7.83 22.41 -10.43
C ILE A 643 7.42 23.03 -11.76
N VAL A 644 6.81 24.21 -11.68
CA VAL A 644 6.40 24.96 -12.86
C VAL A 644 7.32 26.15 -12.99
N GLU A 645 7.77 26.41 -14.21
CA GLU A 645 8.80 27.38 -14.48
C GLU A 645 8.40 28.13 -15.74
N ILE A 646 8.64 29.41 -15.74
CA ILE A 646 8.50 30.19 -16.93
C ILE A 646 9.88 30.58 -17.39
N GLU A 647 10.05 30.56 -18.72
CA GLU A 647 11.32 30.82 -19.36
C GLU A 647 11.17 31.92 -20.39
N ASP A 648 12.12 32.84 -20.43
CA ASP A 648 12.05 33.86 -21.43
C ASP A 648 12.81 33.51 -22.72
N THR A 649 12.70 34.39 -23.69
CA THR A 649 13.41 34.29 -24.98
C THR A 649 14.89 34.04 -24.83
N GLU A 650 15.47 34.61 -23.76
CA GLU A 650 16.91 34.55 -23.54
C GLU A 650 17.35 33.41 -22.60
N GLY A 651 16.44 32.50 -22.32
CA GLY A 651 16.77 31.38 -21.46
C GLY A 651 16.66 31.63 -19.97
N LEU A 652 16.31 32.85 -19.56
CA LEU A 652 16.23 33.17 -18.14
C LEU A 652 14.95 32.55 -17.57
N LYS A 653 15.05 32.02 -16.36
CA LYS A 653 14.02 31.16 -15.77
C LYS A 653 13.48 31.68 -14.46
N GLU A 654 12.21 31.42 -14.20
CA GLU A 654 11.64 31.77 -12.91
C GLU A 654 10.63 30.73 -12.54
N VAL A 655 10.85 30.11 -11.40
CA VAL A 655 9.89 29.13 -10.90
C VAL A 655 8.72 29.83 -10.28
N ILE A 656 7.51 29.36 -10.64
CA ILE A 656 6.24 29.83 -10.09
C ILE A 656 6.14 29.35 -8.62
N ASN A 657 6.12 28.03 -8.44
CA ASN A 657 5.95 27.47 -7.11
C ASN A 657 7.29 27.30 -6.42
N ASP A 658 7.93 28.42 -6.12
CA ASP A 658 9.33 28.38 -5.82
C ASP A 658 9.72 28.08 -4.37
N ARG A 659 9.21 27.01 -3.82
CA ARG A 659 9.47 26.64 -2.45
C ARG A 659 9.39 25.13 -2.35
N TYR A 660 10.38 24.53 -1.70
CA TYR A 660 10.35 23.08 -1.42
C TYR A 660 9.03 22.52 -0.86
N ASP A 661 8.24 23.34 -0.18
CA ASP A 661 7.00 22.86 0.38
C ASP A 661 5.78 23.16 -0.52
N MET A 662 6.01 23.59 -1.75
CA MET A 662 4.93 23.94 -2.68
C MET A 662 4.90 23.07 -3.93
N LEU A 663 5.38 21.84 -3.83
CA LEU A 663 5.47 21.03 -5.03
C LEU A 663 4.24 20.12 -5.23
N ASN A 664 3.37 20.07 -4.22
CA ASN A 664 2.24 19.13 -4.21
C ASN A 664 1.05 19.66 -5.02
N ILE A 665 1.27 19.78 -6.31
CA ILE A 665 0.31 20.43 -7.18
C ILE A 665 -0.42 19.45 -8.09
N SER A 666 -0.09 18.17 -7.99
CA SER A 666 -0.70 17.19 -8.84
C SER A 666 -1.76 16.41 -8.06
N SER A 667 -2.89 16.10 -8.68
CA SER A 667 -3.92 15.33 -8.00
C SER A 667 -4.62 14.41 -8.96
N LEU A 668 -5.17 13.32 -8.43
CA LEU A 668 -5.88 12.34 -9.23
C LEU A 668 -7.34 12.71 -9.52
N ARG A 669 -7.87 12.39 -10.69
CA ARG A 669 -9.31 12.65 -10.96
C ARG A 669 -10.16 11.37 -11.01
N GLN A 670 -11.47 11.51 -10.87
CA GLN A 670 -12.31 10.34 -10.85
C GLN A 670 -12.30 9.57 -12.18
N ASP A 671 -12.08 10.29 -13.28
CA ASP A 671 -11.90 9.64 -14.60
C ASP A 671 -10.56 8.89 -14.73
N GLY A 672 -9.70 9.01 -13.71
CA GLY A 672 -8.41 8.33 -13.67
C GLY A 672 -7.24 9.21 -14.09
N LYS A 673 -7.50 10.41 -14.57
CA LYS A 673 -6.45 11.25 -15.12
C LYS A 673 -5.81 12.18 -14.07
N THR A 674 -4.57 12.59 -14.30
CA THR A 674 -3.82 13.45 -13.38
C THR A 674 -3.94 14.90 -13.84
N PHE A 675 -4.27 15.79 -12.90
CA PHE A 675 -4.25 17.24 -13.11
C PHE A 675 -3.06 17.88 -12.39
N ILE A 676 -2.31 18.68 -13.12
CA ILE A 676 -1.12 19.32 -12.55
C ILE A 676 -1.50 20.78 -12.50
N ASP A 677 -1.77 21.29 -11.30
CA ASP A 677 -2.54 22.52 -11.10
C ASP A 677 -1.62 23.69 -11.00
N PHE A 678 -1.56 24.46 -12.08
CA PHE A 678 -0.81 25.72 -12.07
C PHE A 678 -1.35 26.79 -11.09
N LYS A 679 -2.67 26.83 -10.86
CA LYS A 679 -3.29 27.88 -10.00
C LYS A 679 -2.93 27.75 -8.53
N LYS A 680 -2.57 26.54 -8.13
CA LYS A 680 -2.62 26.24 -6.71
C LYS A 680 -1.69 27.11 -5.90
N TYR A 681 -0.52 27.44 -6.45
CA TYR A 681 0.42 28.31 -5.76
C TYR A 681 0.67 29.51 -6.64
N ASN A 682 -0.34 29.85 -7.42
CA ASN A 682 -0.33 31.08 -8.15
C ASN A 682 -1.46 31.98 -7.63
N ASP A 683 -1.55 32.13 -6.31
CA ASP A 683 -2.60 32.95 -5.70
C ASP A 683 -3.94 32.50 -6.31
N LYS A 684 -4.04 31.22 -6.69
CA LYS A 684 -5.30 30.60 -7.18
C LYS A 684 -5.77 31.00 -8.58
N LEU A 685 -4.85 31.59 -9.37
CA LEU A 685 -5.17 32.06 -10.73
C LEU A 685 -4.40 31.29 -11.82
N PRO A 686 -4.92 31.23 -13.06
CA PRO A 686 -4.13 30.72 -14.16
C PRO A 686 -2.88 31.54 -14.32
N LEU A 687 -1.83 30.97 -14.89
CA LEU A 687 -0.62 31.70 -15.15
C LEU A 687 -0.87 32.76 -16.16
N TYR A 688 -0.29 33.94 -15.94
CA TYR A 688 -0.38 34.98 -16.92
C TYR A 688 0.88 35.02 -17.80
N ILE A 689 0.76 34.63 -19.06
CA ILE A 689 1.93 34.61 -19.93
C ILE A 689 1.91 35.84 -20.82
N SER A 690 2.66 36.86 -20.39
CA SER A 690 2.69 38.18 -21.05
C SER A 690 3.19 38.06 -22.46
N ASN A 691 4.08 37.12 -22.72
CA ASN A 691 4.64 36.94 -24.06
C ASN A 691 4.49 35.52 -24.64
N PRO A 692 3.76 35.36 -25.75
CA PRO A 692 3.57 34.05 -26.38
C PRO A 692 4.87 33.28 -26.71
N ASN A 693 6.02 33.95 -26.85
CA ASN A 693 7.28 33.23 -27.05
C ASN A 693 7.95 32.72 -25.76
N TYR A 694 7.34 32.93 -24.61
CA TYR A 694 7.84 32.33 -23.40
C TYR A 694 7.45 30.86 -23.36
N LYS A 695 8.26 30.05 -22.70
CA LYS A 695 7.92 28.67 -22.44
C LYS A 695 7.36 28.51 -21.02
N VAL A 696 6.45 27.54 -20.88
CA VAL A 696 6.09 27.03 -19.58
C VAL A 696 6.73 25.67 -19.56
N ASN A 697 7.70 25.45 -18.65
CA ASN A 697 8.33 24.15 -18.44
C ASN A 697 7.82 23.57 -17.12
N VAL A 698 7.58 22.27 -17.11
CA VAL A 698 7.05 21.56 -15.95
C VAL A 698 7.98 20.39 -15.68
N TYR A 699 8.35 20.25 -14.41
CA TYR A 699 9.35 19.28 -13.98
C TYR A 699 8.77 18.37 -12.93
N ALA A 700 9.17 17.12 -13.01
CA ALA A 700 8.76 16.15 -12.01
C ALA A 700 9.89 15.95 -11.05
N VAL A 701 9.54 15.74 -9.78
CA VAL A 701 10.54 15.44 -8.74
C VAL A 701 10.28 14.07 -8.10
N THR A 702 11.28 13.18 -8.19
CA THR A 702 11.14 11.87 -7.60
C THR A 702 11.37 11.87 -6.10
N LYS A 703 10.78 10.89 -5.43
CA LYS A 703 10.99 10.66 -4.00
C LYS A 703 12.44 10.75 -3.53
N GLU A 704 13.39 10.09 -4.19
CA GLU A 704 14.74 10.08 -3.70
C GLU A 704 15.31 11.47 -3.82
N ASN A 705 14.69 12.32 -4.63
CA ASN A 705 15.25 13.64 -4.90
C ASN A 705 14.59 14.81 -4.18
N THR A 706 13.54 14.49 -3.43
CA THR A 706 12.72 15.47 -2.71
C THR A 706 13.50 16.23 -1.64
N ILE A 707 13.44 17.56 -1.62
CA ILE A 707 14.00 18.16 -0.42
C ILE A 707 12.91 18.35 0.59
N ILE A 708 13.24 18.06 1.85
CA ILE A 708 12.16 17.96 2.83
C ILE A 708 12.21 19.02 3.89
N ASN A 709 13.19 19.94 3.81
CA ASN A 709 13.47 21.00 4.79
C ASN A 709 14.35 22.03 4.13
N PRO A 710 14.47 23.26 4.66
CA PRO A 710 15.37 24.24 4.01
C PRO A 710 16.83 23.86 4.11
N SER A 711 17.64 24.31 3.16
CA SER A 711 19.11 24.15 3.20
C SER A 711 19.73 24.58 4.55
N GLU A 712 20.89 24.02 4.90
CA GLU A 712 21.62 24.49 6.08
C GLU A 712 21.61 26.01 6.14
N ASN A 713 21.88 26.66 5.00
CA ASN A 713 21.78 28.12 4.90
C ASN A 713 20.37 28.74 4.98
N GLY A 714 19.33 27.94 5.26
CA GLY A 714 17.98 28.48 5.39
C GLY A 714 17.30 28.85 4.07
N ASP A 715 17.74 28.25 2.97
CA ASP A 715 17.20 28.57 1.66
C ASP A 715 16.05 27.60 1.39
N THR A 716 14.88 28.16 1.14
CA THR A 716 13.68 27.37 0.98
C THR A 716 13.24 27.25 -0.46
N SER A 717 14.03 27.71 -1.40
CA SER A 717 13.59 27.63 -2.80
C SER A 717 13.84 26.24 -3.36
N THR A 718 13.52 26.08 -4.65
CA THR A 718 13.68 24.83 -5.40
C THR A 718 15.03 24.81 -6.05
N ASN A 719 15.82 25.81 -5.73
CA ASN A 719 17.18 25.93 -6.24
C ASN A 719 17.97 24.68 -5.88
N GLY A 720 18.62 24.06 -6.87
CA GLY A 720 19.41 22.86 -6.60
C GLY A 720 18.69 21.53 -6.69
N ILE A 721 17.34 21.51 -6.69
CA ILE A 721 16.58 20.22 -6.70
C ILE A 721 16.85 19.45 -7.99
N LYS A 722 17.20 18.17 -7.92
CA LYS A 722 17.33 17.31 -9.10
C LYS A 722 15.91 17.12 -9.68
N LYS A 723 15.62 17.66 -10.85
CA LYS A 723 14.26 17.61 -11.37
C LYS A 723 14.32 17.14 -12.79
N ILE A 724 13.19 16.71 -13.34
CA ILE A 724 13.17 16.06 -14.64
C ILE A 724 12.20 16.78 -15.54
N LEU A 725 12.67 17.25 -16.68
CA LEU A 725 11.78 17.99 -17.59
C LEU A 725 10.70 17.07 -18.16
N ILE A 726 9.42 17.38 -17.96
CA ILE A 726 8.37 16.51 -18.56
C ILE A 726 7.37 17.17 -19.51
N PHE A 727 7.49 18.48 -19.68
CA PHE A 727 6.61 19.25 -20.55
C PHE A 727 7.25 20.59 -20.79
N SER A 728 7.20 21.00 -22.05
CA SER A 728 7.72 22.28 -22.44
C SER A 728 7.07 22.82 -23.67
N LYS A 729 6.19 23.79 -23.52
CA LYS A 729 5.59 24.43 -24.69
C LYS A 729 5.60 25.95 -24.55
N LYS A 730 5.49 26.62 -25.69
CA LYS A 730 5.44 28.07 -25.78
C LYS A 730 4.01 28.55 -25.53
N GLY A 731 3.90 29.80 -25.06
CA GLY A 731 2.61 30.42 -24.86
C GLY A 731 1.60 30.12 -25.96
N TYR A 732 1.96 30.36 -27.21
CA TYR A 732 1.00 30.16 -28.29
C TYR A 732 0.70 28.67 -28.57
N GLU A 733 1.57 27.76 -28.12
CA GLU A 733 1.38 26.30 -28.35
C GLU A 733 0.44 25.69 -27.31
N ILE A 734 0.18 26.41 -26.25
CA ILE A 734 -0.73 25.96 -25.23
C ILE A 734 -2.11 26.50 -25.50
N GLY A 735 -2.16 27.80 -25.79
CA GLY A 735 -3.42 28.52 -25.81
C GLY A 735 -3.57 29.19 -24.44
N ARG B 12 20.41 66.46 5.64
CA ARG B 12 19.57 65.33 6.11
C ARG B 12 18.55 64.96 5.01
N ALA B 13 18.56 63.69 4.56
CA ALA B 13 17.64 63.13 3.54
C ALA B 13 17.62 61.58 3.50
N PHE B 14 16.80 61.03 2.61
CA PHE B 14 16.14 59.75 2.85
C PHE B 14 16.73 58.51 2.15
N ASP B 15 16.57 57.35 2.79
CA ASP B 15 16.78 56.03 2.17
C ASP B 15 15.40 55.39 1.88
N LEU B 16 15.17 55.03 0.61
CA LEU B 16 13.86 54.63 0.14
C LEU B 16 13.77 53.19 -0.36
N TYR B 17 12.91 52.38 0.26
CA TYR B 17 12.83 50.94 0.01
C TYR B 17 11.53 50.46 -0.63
N PHE B 18 11.60 50.03 -1.90
CA PHE B 18 10.42 49.56 -2.61
C PHE B 18 10.22 48.06 -2.43
N VAL B 19 9.07 47.71 -1.82
CA VAL B 19 8.72 46.31 -1.58
C VAL B 19 7.54 46.00 -2.48
N LEU B 20 7.82 45.24 -3.53
CA LEU B 20 6.90 45.05 -4.67
C LEU B 20 6.35 43.64 -4.85
N ASP B 21 5.04 43.58 -4.77
CA ASP B 21 4.23 42.39 -4.92
C ASP B 21 4.22 42.02 -6.37
N LYS B 22 4.73 40.83 -6.67
CA LYS B 22 4.75 40.34 -8.02
C LYS B 22 4.03 39.00 -8.06
N SER B 23 3.16 38.79 -7.10
CA SER B 23 2.37 37.55 -7.07
C SER B 23 1.40 37.44 -8.24
N GLY B 24 0.88 36.24 -8.49
CA GLY B 24 -0.11 36.05 -9.51
C GLY B 24 -1.34 36.92 -9.35
N SER B 25 -1.69 37.29 -8.12
CA SER B 25 -2.94 38.05 -7.93
C SER B 25 -2.88 39.49 -8.49
N VAL B 26 -1.67 40.00 -8.74
CA VAL B 26 -1.52 41.33 -9.32
C VAL B 26 -0.88 41.34 -10.70
N ALA B 27 -0.85 40.20 -11.38
CA ALA B 27 -0.10 40.09 -12.63
C ALA B 27 -0.63 41.03 -13.73
N ASN B 28 -1.94 41.23 -13.81
CA ASN B 28 -2.47 42.11 -14.85
C ASN B 28 -2.30 43.60 -14.51
N ASN B 29 -1.61 43.88 -13.42
CA ASN B 29 -1.37 45.25 -12.97
C ASN B 29 0.09 45.55 -12.66
N TRP B 30 0.99 44.66 -13.07
CA TRP B 30 2.41 44.89 -12.92
C TRP B 30 2.76 46.23 -13.53
N ILE B 31 2.15 46.57 -14.65
CA ILE B 31 2.43 47.84 -15.29
C ILE B 31 2.03 49.05 -14.43
N GLU B 32 0.91 49.00 -13.72
CA GLU B 32 0.61 50.03 -12.74
C GLU B 32 1.68 50.17 -11.64
N ILE B 33 2.17 49.02 -11.16
CA ILE B 33 3.18 49.00 -10.12
C ILE B 33 4.49 49.54 -10.69
N TYR B 34 4.88 49.08 -11.89
CA TYR B 34 6.14 49.53 -12.46
C TYR B 34 6.16 51.07 -12.61
N ASN B 35 5.20 51.58 -13.37
CA ASN B 35 4.95 52.99 -13.55
C ASN B 35 5.02 53.76 -12.23
N PHE B 36 4.39 53.25 -11.20
CA PHE B 36 4.43 53.94 -9.92
C PHE B 36 5.89 54.04 -9.45
N VAL B 37 6.62 52.93 -9.52
CA VAL B 37 8.03 52.96 -9.10
C VAL B 37 8.84 53.92 -9.95
N GLN B 38 8.71 53.87 -11.27
CA GLN B 38 9.50 54.70 -12.15
C GLN B 38 9.23 56.15 -11.77
N GLN B 39 7.97 56.46 -11.55
CA GLN B 39 7.61 57.85 -11.36
C GLN B 39 8.06 58.45 -10.02
N LEU B 40 8.19 57.59 -9.00
CA LEU B 40 8.91 57.92 -7.75
C LEU B 40 10.45 58.01 -7.91
N ALA B 41 11.05 57.11 -8.67
CA ALA B 41 12.47 57.19 -8.97
C ALA B 41 12.82 58.47 -9.73
N GLU B 42 11.85 59.01 -10.47
CA GLU B 42 12.10 60.22 -11.25
C GLU B 42 11.93 61.48 -10.43
N ARG B 43 11.10 61.43 -9.40
CA ARG B 43 10.93 62.55 -8.52
C ARG B 43 12.12 62.73 -7.55
N PHE B 44 12.55 61.64 -6.90
CA PHE B 44 13.63 61.69 -5.90
C PHE B 44 15.00 61.42 -6.54
N VAL B 45 15.50 62.44 -7.23
CA VAL B 45 16.69 62.35 -8.08
C VAL B 45 17.92 62.96 -7.39
N SER B 46 17.71 63.61 -6.26
CA SER B 46 18.82 64.19 -5.46
C SER B 46 19.90 63.12 -5.18
N PRO B 47 21.18 63.52 -5.20
CA PRO B 47 22.30 62.58 -5.07
C PRO B 47 22.41 62.06 -3.67
N GLU B 48 21.78 62.76 -2.72
CA GLU B 48 21.74 62.37 -1.31
C GLU B 48 20.78 61.18 -1.09
N MET B 49 19.79 61.03 -1.96
CA MET B 49 18.80 59.95 -1.85
C MET B 49 19.26 58.61 -2.41
N ARG B 50 18.94 57.52 -1.68
CA ARG B 50 19.25 56.13 -2.09
C ARG B 50 17.99 55.24 -2.17
N LEU B 51 17.89 54.41 -3.21
CA LEU B 51 16.73 53.54 -3.30
C LEU B 51 17.12 52.08 -3.42
N SER B 52 16.21 51.20 -3.10
CA SER B 52 16.42 49.78 -3.31
C SER B 52 15.12 49.22 -3.84
N PHE B 53 15.21 48.30 -4.80
CA PHE B 53 14.00 47.66 -5.31
C PHE B 53 13.96 46.23 -4.79
N ILE B 54 12.85 45.86 -4.14
CA ILE B 54 12.62 44.45 -3.72
C ILE B 54 11.35 43.88 -4.32
N VAL B 55 11.43 42.66 -4.84
CA VAL B 55 10.24 41.97 -5.33
C VAL B 55 10.00 40.73 -4.52
N PHE B 56 8.72 40.41 -4.34
CA PHE B 56 8.34 39.19 -3.65
C PHE B 56 7.14 38.52 -4.29
N SER B 57 7.17 37.19 -4.39
CA SER B 57 5.97 36.38 -4.57
C SER B 57 6.11 35.27 -3.53
N SER B 58 6.50 34.08 -3.96
CA SER B 58 6.75 33.05 -2.99
C SER B 58 8.22 33.05 -2.46
N GLN B 59 9.13 33.71 -3.16
CA GLN B 59 10.44 34.09 -2.62
C GLN B 59 10.58 35.64 -2.67
N ALA B 60 11.60 36.19 -2.01
CA ALA B 60 11.85 37.63 -2.05
C ALA B 60 13.25 37.84 -2.60
N THR B 61 13.41 38.85 -3.44
CA THR B 61 14.68 39.10 -4.07
C THR B 61 14.92 40.58 -4.16
N ILE B 62 16.16 40.95 -3.84
CA ILE B 62 16.68 42.27 -4.05
C ILE B 62 17.03 42.44 -5.51
N ILE B 63 16.24 43.24 -6.21
CA ILE B 63 16.52 43.52 -7.60
C ILE B 63 17.55 44.63 -7.72
N LEU B 64 17.50 45.59 -6.81
CA LEU B 64 18.50 46.69 -6.74
C LEU B 64 18.92 46.99 -5.30
N PRO B 65 20.13 46.61 -4.87
CA PRO B 65 20.61 46.98 -3.53
C PRO B 65 20.54 48.49 -3.31
N LEU B 66 20.30 48.89 -2.06
CA LEU B 66 20.23 50.30 -1.73
C LEU B 66 21.40 51.08 -2.35
N THR B 67 21.07 52.14 -3.11
CA THR B 67 22.08 52.85 -3.87
C THR B 67 21.58 54.22 -4.34
N GLY B 68 22.53 55.14 -4.47
CA GLY B 68 22.27 56.44 -5.03
C GLY B 68 22.81 56.64 -6.44
N ASP B 69 23.57 55.70 -6.99
CA ASP B 69 24.07 55.83 -8.37
C ASP B 69 22.91 55.78 -9.38
N ARG B 70 22.89 56.76 -10.27
CA ARG B 70 21.78 56.96 -11.22
C ARG B 70 21.71 55.87 -12.30
N GLY B 71 22.88 55.45 -12.78
CA GLY B 71 23.02 54.30 -13.68
C GLY B 71 22.47 52.98 -13.12
N LYS B 72 22.78 52.68 -11.86
CA LYS B 72 22.28 51.46 -11.23
C LYS B 72 20.76 51.47 -11.12
N ILE B 73 20.17 52.62 -10.77
CA ILE B 73 18.72 52.73 -10.60
C ILE B 73 18.01 52.44 -11.91
N SER B 74 18.40 53.23 -12.93
CA SER B 74 17.99 53.02 -14.30
C SER B 74 18.04 51.53 -14.65
N LYS B 75 19.16 50.86 -14.38
CA LYS B 75 19.29 49.41 -14.62
C LYS B 75 18.29 48.57 -13.81
N GLY B 76 18.08 48.95 -12.55
CA GLY B 76 17.04 48.39 -11.73
C GLY B 76 15.66 48.55 -12.33
N LEU B 77 15.39 49.69 -12.97
CA LEU B 77 14.08 49.89 -13.60
C LEU B 77 13.86 48.98 -14.81
N GLU B 78 14.88 48.88 -15.67
CA GLU B 78 14.83 47.97 -16.80
C GLU B 78 14.58 46.55 -16.28
N ASP B 79 15.23 46.20 -15.17
CA ASP B 79 15.01 44.92 -14.50
C ASP B 79 13.57 44.72 -14.06
N LEU B 80 12.98 45.73 -13.41
CA LEU B 80 11.60 45.66 -12.94
C LEU B 80 10.67 45.49 -14.12
N LYS B 81 11.00 46.15 -15.23
CA LYS B 81 10.18 46.07 -16.41
C LYS B 81 10.07 44.62 -16.93
N ARG B 82 11.04 43.77 -16.62
CA ARG B 82 11.07 42.38 -17.15
C ARG B 82 10.32 41.39 -16.27
N VAL B 83 9.98 41.78 -15.04
CA VAL B 83 9.19 40.97 -14.12
C VAL B 83 7.86 40.41 -14.72
N SER B 84 7.70 39.09 -14.66
CA SER B 84 6.46 38.37 -15.00
C SER B 84 5.89 37.93 -13.65
N PRO B 85 4.82 38.57 -13.20
CA PRO B 85 4.28 38.25 -11.88
C PRO B 85 3.55 36.91 -11.82
N VAL B 86 3.95 36.15 -10.81
CA VAL B 86 3.55 34.78 -10.63
C VAL B 86 3.94 34.37 -9.21
N GLY B 87 3.10 33.59 -8.54
CA GLY B 87 3.41 33.08 -7.21
C GLY B 87 2.52 33.52 -6.06
N GLU B 88 2.84 33.03 -4.86
CA GLU B 88 2.08 33.36 -3.67
C GLU B 88 2.53 34.73 -3.20
N THR B 89 2.00 35.18 -2.08
CA THR B 89 2.17 36.55 -1.62
C THR B 89 2.86 36.58 -0.24
N TYR B 90 4.16 36.26 -0.21
CA TYR B 90 4.94 36.30 1.05
C TYR B 90 5.56 37.69 1.36
N ILE B 91 4.68 38.65 1.62
CA ILE B 91 5.09 40.03 1.86
C ILE B 91 6.16 40.13 2.94
N HIS B 92 6.05 39.27 3.95
CA HIS B 92 6.98 39.31 5.05
C HIS B 92 8.42 39.06 4.60
N GLU B 93 8.62 38.23 3.59
CA GLU B 93 9.97 38.01 3.06
C GLU B 93 10.53 39.26 2.35
N GLY B 94 9.64 40.04 1.74
CA GLY B 94 9.97 41.36 1.21
C GLY B 94 10.36 42.38 2.27
N LEU B 95 9.55 42.52 3.33
CA LEU B 95 9.92 43.45 4.39
C LEU B 95 11.20 43.01 5.10
N LYS B 96 11.41 41.70 5.22
CA LYS B 96 12.64 41.16 5.83
C LYS B 96 13.86 41.68 5.10
N LEU B 97 13.85 41.57 3.78
CA LEU B 97 14.99 42.00 2.99
C LEU B 97 15.25 43.51 3.05
N ALA B 98 14.17 44.29 3.14
CA ALA B 98 14.22 45.71 3.48
C ALA B 98 14.88 45.97 4.86
N ASN B 99 14.36 45.33 5.90
CA ASN B 99 14.90 45.39 7.27
C ASN B 99 16.38 45.04 7.41
N GLU B 100 16.80 43.96 6.75
CA GLU B 100 18.20 43.53 6.70
C GLU B 100 19.11 44.62 6.14
N GLN B 101 18.73 45.16 4.99
CA GLN B 101 19.45 46.26 4.37
C GLN B 101 19.47 47.49 5.27
N ILE B 102 18.33 47.81 5.90
CA ILE B 102 18.27 48.93 6.85
C ILE B 102 19.25 48.72 8.00
N GLN B 103 19.24 47.52 8.60
CA GLN B 103 20.08 47.14 9.75
C GLN B 103 21.53 47.39 9.41
N LYS B 104 21.93 46.87 8.25
CA LYS B 104 23.28 46.98 7.74
C LYS B 104 23.65 48.45 7.38
N ALA B 105 22.64 49.29 7.07
CA ALA B 105 22.85 50.70 6.70
C ALA B 105 23.18 51.69 7.85
N GLY B 106 23.03 51.24 9.10
CA GLY B 106 23.25 52.06 10.29
C GLY B 106 22.08 51.93 11.25
N GLY B 107 20.94 51.46 10.74
CA GLY B 107 19.75 51.24 11.55
C GLY B 107 19.07 52.52 11.95
N LEU B 108 18.92 52.69 13.27
CA LEU B 108 18.36 53.90 13.88
C LEU B 108 19.05 55.18 13.38
N LYS B 109 20.28 55.05 12.86
CA LYS B 109 21.08 56.15 12.27
C LYS B 109 20.39 56.84 11.07
N THR B 110 19.77 56.06 10.19
CA THR B 110 19.23 56.59 8.94
C THR B 110 17.79 57.03 9.04
N SER B 111 17.41 57.98 8.17
CA SER B 111 16.00 58.20 7.82
C SER B 111 15.61 57.21 6.72
N SER B 112 14.85 56.19 7.10
CA SER B 112 14.51 55.09 6.22
C SER B 112 13.01 55.05 6.01
N ILE B 113 12.60 54.67 4.80
CA ILE B 113 11.21 54.61 4.41
C ILE B 113 10.94 53.33 3.60
N ILE B 114 9.98 52.52 4.03
CA ILE B 114 9.50 51.44 3.16
C ILE B 114 8.16 51.78 2.50
N ILE B 115 8.14 51.62 1.17
CA ILE B 115 6.90 51.59 0.41
C ILE B 115 6.61 50.22 -0.20
N ALA B 116 5.54 49.61 0.31
CA ALA B 116 5.07 48.33 -0.19
C ALA B 116 3.91 48.55 -1.15
N LEU B 117 3.99 47.86 -2.28
CA LEU B 117 2.94 47.86 -3.31
C LEU B 117 2.33 46.45 -3.39
N THR B 118 1.03 46.36 -3.12
CA THR B 118 0.37 45.06 -2.97
C THR B 118 -1.14 45.24 -2.92
N ASP B 119 -1.90 44.17 -3.14
CA ASP B 119 -3.35 44.22 -2.93
C ASP B 119 -3.73 43.87 -1.52
N GLY B 120 -2.71 43.63 -0.69
CA GLY B 120 -2.91 43.20 0.70
C GLY B 120 -3.73 41.93 0.90
N LYS B 121 -3.81 41.07 -0.12
CA LYS B 121 -4.56 39.82 -0.03
C LYS B 121 -3.62 38.72 0.47
N LEU B 122 -3.62 38.51 1.78
CA LEU B 122 -2.66 37.60 2.40
C LEU B 122 -3.36 36.43 3.05
N ASP B 123 -2.73 35.27 3.00
CA ASP B 123 -3.33 34.02 3.39
C ASP B 123 -2.62 33.44 4.63
N GLY B 124 -3.26 32.49 5.31
CA GLY B 124 -2.59 31.75 6.38
C GLY B 124 -1.92 32.58 7.47
N LEU B 125 -0.60 32.42 7.59
CA LEU B 125 0.15 33.04 8.66
C LEU B 125 0.84 34.30 8.19
N VAL B 126 0.65 34.63 6.92
CA VAL B 126 1.33 35.79 6.33
C VAL B 126 0.90 37.15 6.97
N PRO B 127 -0.41 37.36 7.20
CA PRO B 127 -0.86 38.57 7.92
C PRO B 127 -0.07 38.74 9.22
N SER B 128 0.02 37.71 10.05
CA SER B 128 0.76 37.89 11.31
C SER B 128 2.29 38.00 11.12
N TYR B 129 2.85 37.38 10.09
CA TYR B 129 4.29 37.52 9.92
C TYR B 129 4.65 38.87 9.32
N ALA B 130 3.77 39.40 8.47
CA ALA B 130 3.89 40.75 7.91
C ALA B 130 3.73 41.78 9.01
N GLU B 131 2.77 41.56 9.92
CA GLU B 131 2.51 42.48 11.04
C GLU B 131 3.75 42.62 11.90
N LYS B 132 4.43 41.49 12.13
CA LYS B 132 5.62 41.38 12.97
C LYS B 132 6.83 42.03 12.30
N GLU B 133 7.05 41.68 11.05
CA GLU B 133 8.11 42.33 10.26
C GLU B 133 7.91 43.84 10.16
N ALA B 134 6.64 44.29 10.01
CA ALA B 134 6.29 45.71 10.00
C ALA B 134 6.72 46.40 11.30
N LYS B 135 6.37 45.79 12.43
CA LYS B 135 6.79 46.29 13.75
C LYS B 135 8.31 46.31 13.94
N ILE B 136 9.02 45.36 13.32
CA ILE B 136 10.47 45.32 13.42
C ILE B 136 10.99 46.55 12.68
N SER B 137 10.28 46.91 11.61
CA SER B 137 10.72 47.96 10.69
C SER B 137 10.70 49.28 11.43
N ARG B 138 9.58 49.51 12.10
CA ARG B 138 9.39 50.70 12.91
C ARG B 138 10.38 50.74 14.07
N SER B 139 10.74 49.57 14.59
CA SER B 139 11.70 49.50 15.71
C SER B 139 13.09 49.94 15.26
N LEU B 140 13.31 49.96 13.94
CA LEU B 140 14.60 50.37 13.38
C LEU B 140 14.61 51.78 12.80
N GLY B 141 13.58 52.58 13.11
CA GLY B 141 13.54 53.98 12.72
C GLY B 141 13.00 54.27 11.32
N ALA B 142 12.35 53.27 10.73
CA ALA B 142 11.75 53.36 9.39
C ALA B 142 10.23 53.55 9.47
N SER B 143 9.64 54.21 8.46
CA SER B 143 8.19 54.30 8.36
C SER B 143 7.70 53.41 7.25
N VAL B 144 6.58 52.75 7.49
CA VAL B 144 6.05 51.83 6.50
C VAL B 144 4.78 52.42 5.91
N TYR B 145 4.81 52.53 4.58
CA TYR B 145 3.70 52.91 3.73
C TYR B 145 3.22 51.78 2.86
N CYS B 146 1.91 51.74 2.65
CA CYS B 146 1.33 50.77 1.74
C CYS B 146 0.46 51.43 0.67
N VAL B 147 0.78 51.08 -0.56
CA VAL B 147 0.06 51.63 -1.69
C VAL B 147 -0.77 50.48 -2.19
N GLY B 148 -2.08 50.66 -2.18
CA GLY B 148 -2.97 49.56 -2.53
C GLY B 148 -3.11 49.35 -4.02
N VAL B 149 -2.97 48.10 -4.47
CA VAL B 149 -3.26 47.70 -5.86
C VAL B 149 -4.65 46.98 -6.03
N LEU B 150 -5.42 47.38 -7.04
CA LEU B 150 -6.76 46.82 -7.32
C LEU B 150 -7.80 47.02 -6.21
N ASP B 151 -8.50 45.96 -5.87
CA ASP B 151 -9.43 46.05 -4.76
C ASP B 151 -8.72 45.56 -3.49
N PHE B 152 -7.76 46.35 -3.03
CA PHE B 152 -6.85 45.98 -1.94
C PHE B 152 -7.59 45.89 -0.61
N GLU B 153 -7.03 45.13 0.33
CA GLU B 153 -7.66 44.99 1.63
C GLU B 153 -7.20 46.16 2.48
N GLN B 154 -8.12 47.08 2.74
CA GLN B 154 -7.83 48.23 3.59
C GLN B 154 -7.26 47.86 4.96
N ALA B 155 -8.03 47.09 5.74
CA ALA B 155 -7.60 46.74 7.10
C ALA B 155 -6.23 46.07 7.12
N GLN B 156 -6.01 45.15 6.19
CA GLN B 156 -4.76 44.39 6.23
C GLN B 156 -3.58 45.34 6.09
N LEU B 157 -3.70 46.33 5.22
CA LEU B 157 -2.59 47.24 5.02
C LEU B 157 -2.39 48.23 6.18
N GLU B 158 -3.46 48.53 6.91
CA GLU B 158 -3.34 49.40 8.06
C GLU B 158 -2.55 48.69 9.15
N ARG B 159 -2.77 47.40 9.29
CA ARG B 159 -1.97 46.60 10.21
C ARG B 159 -0.47 46.44 9.87
N ILE B 160 -0.06 46.79 8.64
CA ILE B 160 1.35 46.80 8.22
C ILE B 160 1.96 48.22 8.28
N ALA B 161 1.23 49.18 7.72
CA ALA B 161 1.67 50.56 7.62
C ALA B 161 1.54 51.19 8.99
N ASP B 162 2.21 52.31 9.19
CA ASP B 162 2.17 53.02 10.46
C ASP B 162 0.76 53.35 10.94
N SER B 163 -0.13 53.65 10.01
CA SER B 163 -1.49 54.09 10.33
C SER B 163 -2.17 54.24 8.99
N LYS B 164 -3.43 54.68 8.99
CA LYS B 164 -4.17 54.87 7.73
C LYS B 164 -3.65 56.05 6.93
N GLU B 165 -3.03 57.02 7.60
CA GLU B 165 -2.30 58.08 6.93
C GLU B 165 -1.29 57.52 5.90
N GLN B 166 -0.60 56.41 6.22
CA GLN B 166 0.37 55.86 5.26
C GLN B 166 -0.18 54.79 4.31
N VAL B 167 -1.50 54.76 4.15
CA VAL B 167 -2.19 53.87 3.22
C VAL B 167 -2.98 54.60 2.12
N PHE B 168 -2.50 54.50 0.88
CA PHE B 168 -3.06 55.17 -0.31
C PHE B 168 -3.36 54.12 -1.40
N PRO B 169 -4.41 54.33 -2.21
CA PRO B 169 -4.53 53.64 -3.51
C PRO B 169 -3.35 53.95 -4.43
N VAL B 170 -3.04 53.05 -5.35
CA VAL B 170 -1.97 53.25 -6.31
C VAL B 170 -2.46 54.32 -7.27
N LYS B 171 -3.70 54.13 -7.73
CA LYS B 171 -4.34 55.06 -8.65
C LYS B 171 -4.61 56.40 -7.97
N GLY B 172 -3.72 57.37 -8.18
CA GLY B 172 -3.92 58.69 -7.63
C GLY B 172 -3.08 58.99 -6.42
N GLY B 173 -2.17 58.08 -6.09
CA GLY B 173 -1.43 58.18 -4.85
C GLY B 173 0.01 58.55 -5.01
N PHE B 174 0.40 58.91 -6.22
CA PHE B 174 1.71 59.51 -6.44
C PHE B 174 1.75 60.92 -5.87
N GLN B 175 0.71 61.71 -6.18
CA GLN B 175 0.60 63.10 -5.75
C GLN B 175 0.65 63.20 -4.22
N ALA B 176 -0.38 62.65 -3.57
CA ALA B 176 -0.43 62.51 -2.13
C ALA B 176 0.91 62.03 -1.52
N LEU B 177 1.44 60.90 -1.99
CA LEU B 177 2.68 60.37 -1.41
C LEU B 177 3.96 61.24 -1.52
N LYS B 178 4.00 62.20 -2.44
CA LYS B 178 5.18 63.07 -2.59
C LYS B 178 5.10 64.30 -1.65
N GLY B 179 3.87 64.81 -1.45
CA GLY B 179 3.61 65.87 -0.48
C GLY B 179 3.84 65.40 0.95
N ILE B 180 3.44 64.16 1.24
CA ILE B 180 3.71 63.57 2.56
C ILE B 180 5.23 63.38 2.78
N ILE B 181 6.03 63.78 1.78
CA ILE B 181 7.48 63.87 1.94
C ILE B 181 7.99 65.23 1.47
#